data_2FYF
#
_entry.id   2FYF
#
_cell.length_a   77.478
_cell.length_b   94.056
_cell.length_c   101.063
_cell.angle_alpha   90.00
_cell.angle_beta   90.00
_cell.angle_gamma   90.00
#
_symmetry.space_group_name_H-M   'P 21 21 21'
#
loop_
_entity.id
_entity.type
_entity.pdbx_description
1 polymer 'phosphoserine aminotransferase'
2 non-polymer 'SULFATE ION'
3 non-polymer TETRACHLOROPLATINATE(II)
4 non-polymer "PYRIDOXAL-5'-PHOSPHATE"
5 non-polymer GLYCEROL
6 water water
#
_entity_poly.entity_id   1
_entity_poly.type   'polypeptide(L)'
_entity_poly.pdbx_seq_one_letter_code
;MSYYHHHHHHLESTSLYKKAGFMADQLTPHLEIPTAIKPRDGRFGSGPSKVRLEQLQTLTTTAAALFGTSHRQAPVKNLV
GRVRSGLAELFSLPDGYEVILGNGGATAFWDAAAFGLIDKRSLHLTYGEFSAKFASAVSKNPFVGEPIIITSDPGSAPEP
QTDPSVDVIAWAHNETSTGVAVAVRRPEGSDDALVVIDATSGAGGLPVDIAETDAYYFAPQKNFASDGGLWLAIMSPAAL
SRIEAIAATGRWVPDFLSLPIAVENSLKNQTYNTPAIATLALLAEQIDWLVGNGGLDWAVKRTADSSQRLYSWAQERPYT
TPFVTDPGLRSQVVGTIDFVDDVDAGTVAKILRANGIVDTEPYRKLGRNQLRVAMFPAVEPDDVSALTECVDWVVERL
;
_entity_poly.pdbx_strand_id   A,B
#
loop_
_chem_comp.id
_chem_comp.type
_chem_comp.name
_chem_comp.formula
GOL non-polymer GLYCEROL 'C3 H8 O3'
PC4 non-polymer TETRACHLOROPLATINATE(II) 'Cl4 Pt -2'
PLP non-polymer PYRIDOXAL-5'-PHOSPHATE 'C8 H10 N O6 P'
SO4 non-polymer 'SULFATE ION' 'O4 S -2'
#
# COMPACT_ATOMS: atom_id res chain seq x y z
N HIS A 30 -16.98 32.26 -14.88
CA HIS A 30 -15.62 32.01 -14.29
C HIS A 30 -15.07 33.26 -13.64
N LEU A 31 -14.81 33.18 -12.33
CA LEU A 31 -14.04 34.19 -11.61
C LEU A 31 -12.57 33.79 -11.54
N GLU A 32 -11.72 34.69 -11.99
CA GLU A 32 -10.30 34.50 -11.91
C GLU A 32 -9.72 35.22 -10.72
N ILE A 33 -9.34 34.45 -9.71
CA ILE A 33 -8.81 35.04 -8.49
C ILE A 33 -7.45 35.67 -8.77
N PRO A 34 -7.22 36.93 -8.33
CA PRO A 34 -5.93 37.55 -8.62
C PRO A 34 -4.76 36.78 -8.03
N THR A 35 -3.71 36.60 -8.83
CA THR A 35 -2.56 35.80 -8.41
CA THR A 35 -2.57 35.79 -8.38
C THR A 35 -1.96 36.32 -7.10
N ALA A 36 -1.93 37.65 -6.95
CA ALA A 36 -1.33 38.29 -5.78
C ALA A 36 -1.90 37.83 -4.44
N ILE A 37 -3.15 37.39 -4.42
CA ILE A 37 -3.75 36.95 -3.15
C ILE A 37 -3.79 35.43 -2.97
N LYS A 38 -3.34 34.67 -3.96
CA LYS A 38 -3.44 33.21 -3.89
C LYS A 38 -2.36 32.60 -3.03
N PRO A 39 -2.67 31.46 -2.39
CA PRO A 39 -1.62 30.75 -1.64
C PRO A 39 -0.56 30.23 -2.59
N ARG A 40 0.66 30.06 -2.12
CA ARG A 40 1.72 29.52 -2.96
C ARG A 40 1.49 28.04 -3.33
N ASP A 41 0.87 27.29 -2.43
CA ASP A 41 0.45 25.92 -2.69
C ASP A 41 -1.03 25.85 -2.42
N GLY A 42 -1.79 25.39 -3.42
CA GLY A 42 -3.25 25.34 -3.34
C GLY A 42 -3.82 24.06 -2.74
N ARG A 43 -2.97 23.16 -2.23
CA ARG A 43 -3.47 21.89 -1.72
C ARG A 43 -3.88 22.01 -0.25
N PHE A 44 -5.20 21.96 -0.01
CA PHE A 44 -5.75 21.98 1.35
C PHE A 44 -6.50 20.68 1.71
N GLY A 45 -6.25 19.61 0.95
CA GLY A 45 -6.88 18.34 1.24
C GLY A 45 -6.42 17.70 2.52
N SER A 46 -7.34 16.92 3.10
CA SER A 46 -7.17 16.31 4.41
C SER A 46 -6.63 14.91 4.36
N GLY A 47 -6.03 14.53 3.22
CA GLY A 47 -5.43 13.23 3.04
C GLY A 47 -6.00 12.56 1.79
N PRO A 48 -5.17 12.35 0.73
CA PRO A 48 -3.80 12.85 0.56
C PRO A 48 -3.69 14.35 0.80
N SER A 49 -2.47 14.78 1.05
CA SER A 49 -2.22 16.17 1.39
C SER A 49 -0.90 16.64 0.87
N LYS A 50 -0.71 17.96 0.93
CA LYS A 50 0.47 18.61 0.35
C LYS A 50 1.77 17.83 0.60
N VAL A 51 2.47 17.52 -0.49
CA VAL A 51 3.80 16.92 -0.46
C VAL A 51 4.74 18.06 -0.87
N ARG A 52 5.73 18.35 -0.03
CA ARG A 52 6.60 19.51 -0.28
C ARG A 52 7.47 19.30 -1.51
N LEU A 53 7.75 20.37 -2.23
CA LEU A 53 8.49 20.31 -3.49
C LEU A 53 9.82 19.57 -3.31
N GLU A 54 10.59 19.96 -2.29
CA GLU A 54 11.92 19.39 -2.06
CA GLU A 54 11.92 19.36 -2.10
C GLU A 54 11.84 17.96 -1.52
N GLN A 55 10.71 17.64 -0.92
CA GLN A 55 10.44 16.33 -0.43
C GLN A 55 10.17 15.35 -1.58
N LEU A 56 9.27 15.72 -2.49
CA LEU A 56 9.00 14.93 -3.69
C LEU A 56 10.26 14.73 -4.50
N GLN A 57 11.09 15.76 -4.54
CA GLN A 57 12.30 15.74 -5.35
C GLN A 57 13.28 14.66 -4.90
N THR A 58 13.23 14.24 -3.63
CA THR A 58 14.13 13.18 -3.17
C THR A 58 13.92 11.84 -3.92
N LEU A 59 12.74 11.63 -4.49
CA LEU A 59 12.44 10.36 -5.14
C LEU A 59 13.32 10.12 -6.37
N THR A 60 13.69 11.20 -7.08
CA THR A 60 14.56 11.07 -8.26
C THR A 60 16.04 11.34 -7.96
N THR A 61 16.36 11.66 -6.70
CA THR A 61 17.72 12.02 -6.35
C THR A 61 18.20 11.10 -5.25
N THR A 62 18.07 11.50 -3.99
CA THR A 62 18.71 10.78 -2.89
C THR A 62 18.13 9.39 -2.62
N ALA A 63 16.85 9.18 -3.00
CA ALA A 63 16.19 7.84 -2.89
C ALA A 63 16.15 7.03 -4.18
N ALA A 64 16.66 7.59 -5.27
CA ALA A 64 16.51 6.94 -6.54
C ALA A 64 17.11 5.54 -6.55
N ALA A 65 18.25 5.36 -5.90
CA ALA A 65 18.93 4.05 -5.90
C ALA A 65 18.23 3.01 -5.05
N LEU A 66 17.31 3.43 -4.20
CA LEU A 66 16.55 2.47 -3.36
C LEU A 66 15.42 1.83 -4.13
N PHE A 67 14.83 2.55 -5.07
CA PHE A 67 13.72 2.04 -5.85
C PHE A 67 14.14 0.77 -6.55
N GLY A 68 13.23 -0.20 -6.60
CA GLY A 68 13.47 -1.40 -7.38
C GLY A 68 14.49 -2.33 -6.78
N THR A 69 14.73 -2.20 -5.47
CA THR A 69 15.66 -3.07 -4.74
C THR A 69 14.96 -3.75 -3.57
N SER A 70 15.55 -4.82 -3.07
CA SER A 70 14.83 -5.76 -2.22
C SER A 70 14.52 -5.22 -0.84
N HIS A 71 13.28 -5.38 -0.41
CA HIS A 71 12.87 -5.08 0.97
C HIS A 71 13.41 -6.10 1.99
N ARG A 72 14.09 -7.14 1.51
CA ARG A 72 14.75 -8.12 2.36
C ARG A 72 16.25 -7.92 2.38
N GLN A 73 16.73 -6.80 1.83
CA GLN A 73 18.17 -6.49 1.85
C GLN A 73 18.40 -5.16 2.56
N ALA A 74 19.66 -4.90 2.88
CA ALA A 74 20.01 -3.81 3.76
C ALA A 74 19.55 -2.42 3.34
N PRO A 75 19.69 -2.02 2.05
CA PRO A 75 19.31 -0.62 1.74
C PRO A 75 17.87 -0.27 2.08
N VAL A 76 16.92 -1.11 1.69
CA VAL A 76 15.53 -0.82 2.00
C VAL A 76 15.22 -1.09 3.48
N LYS A 77 15.80 -2.14 4.06
CA LYS A 77 15.65 -2.34 5.52
C LYS A 77 16.16 -1.14 6.34
N ASN A 78 17.26 -0.53 5.89
CA ASN A 78 17.78 0.66 6.57
CA ASN A 78 17.79 0.67 6.54
C ASN A 78 16.81 1.84 6.46
N LEU A 79 16.10 1.92 5.34
CA LEU A 79 15.09 2.96 5.12
C LEU A 79 13.97 2.75 6.13
N VAL A 80 13.50 1.52 6.27
CA VAL A 80 12.50 1.20 7.29
C VAL A 80 13.03 1.58 8.68
N GLY A 81 14.29 1.27 8.92
CA GLY A 81 14.91 1.61 10.17
C GLY A 81 14.91 3.11 10.45
N ARG A 82 15.16 3.92 9.41
CA ARG A 82 15.14 5.39 9.51
C ARG A 82 13.74 5.83 9.92
N VAL A 83 12.73 5.20 9.35
CA VAL A 83 11.33 5.54 9.67
C VAL A 83 11.04 5.20 11.12
N ARG A 84 11.39 3.99 11.52
CA ARG A 84 11.12 3.55 12.88
C ARG A 84 11.85 4.37 13.92
N SER A 85 13.13 4.57 13.71
CA SER A 85 13.92 5.36 14.66
CA SER A 85 13.93 5.37 14.63
CA SER A 85 13.95 5.38 14.62
C SER A 85 13.48 6.83 14.64
N GLY A 86 13.16 7.36 13.48
CA GLY A 86 12.68 8.72 13.38
C GLY A 86 11.37 8.94 14.10
N LEU A 87 10.41 8.02 13.92
CA LEU A 87 9.16 8.11 14.66
C LEU A 87 9.34 7.95 16.17
N ALA A 88 10.26 7.08 16.58
CA ALA A 88 10.57 6.91 17.98
C ALA A 88 11.09 8.21 18.62
N GLU A 89 11.92 8.96 17.91
CA GLU A 89 12.38 10.26 18.36
C GLU A 89 11.26 11.28 18.36
N LEU A 90 10.56 11.36 17.23
CA LEU A 90 9.51 12.38 17.06
C LEU A 90 8.47 12.27 18.17
N PHE A 91 8.07 11.03 18.48
CA PHE A 91 7.04 10.77 19.49
C PHE A 91 7.53 10.42 20.88
N SER A 92 8.83 10.62 21.15
CA SER A 92 9.40 10.43 22.47
C SER A 92 8.97 9.12 23.09
N LEU A 93 9.13 8.03 22.34
CA LEU A 93 8.62 6.72 22.78
C LEU A 93 9.19 6.32 24.14
N PRO A 94 8.32 5.98 25.11
CA PRO A 94 8.81 5.37 26.33
C PRO A 94 9.48 4.01 26.11
N ASP A 95 10.21 3.56 27.13
CA ASP A 95 10.88 2.29 27.09
C ASP A 95 9.87 1.20 26.74
N GLY A 96 10.27 0.31 25.83
CA GLY A 96 9.48 -0.84 25.44
C GLY A 96 8.44 -0.59 24.38
N TYR A 97 8.17 0.68 24.07
CA TYR A 97 7.25 0.93 22.97
C TYR A 97 7.95 0.63 21.66
N GLU A 98 7.19 0.17 20.67
CA GLU A 98 7.75 -0.18 19.35
C GLU A 98 6.90 0.38 18.24
N VAL A 99 7.57 0.73 17.16
CA VAL A 99 6.92 1.10 15.93
C VAL A 99 6.67 -0.14 15.06
N ILE A 100 5.41 -0.42 14.83
CA ILE A 100 4.99 -1.57 14.04
C ILE A 100 4.38 -1.03 12.75
N LEU A 101 4.60 -1.75 11.66
CA LEU A 101 4.06 -1.27 10.38
C LEU A 101 3.67 -2.45 9.50
N GLY A 102 2.81 -2.16 8.53
CA GLY A 102 2.33 -3.16 7.58
C GLY A 102 1.60 -2.49 6.44
N ASN A 103 1.50 -3.18 5.31
CA ASN A 103 0.74 -2.63 4.21
C ASN A 103 -0.74 -2.50 4.52
N GLY A 104 -1.38 -1.51 3.90
CA GLY A 104 -2.82 -1.48 3.75
C GLY A 104 -3.45 -0.17 4.11
N GLY A 105 -2.78 0.67 4.87
CA GLY A 105 -3.36 1.89 5.38
C GLY A 105 -4.20 1.68 6.61
N ALA A 106 -4.74 2.76 7.17
CA ALA A 106 -5.38 2.68 8.47
C ALA A 106 -6.62 1.80 8.44
N THR A 107 -7.33 1.75 7.31
CA THR A 107 -8.50 0.91 7.19
C THR A 107 -8.14 -0.57 7.39
N ALA A 108 -6.98 -0.96 6.92
CA ALA A 108 -6.54 -2.34 7.13
C ALA A 108 -6.25 -2.54 8.60
N PHE A 109 -5.63 -1.56 9.25
CA PHE A 109 -5.33 -1.69 10.66
C PHE A 109 -6.58 -1.91 11.47
N TRP A 110 -7.69 -1.27 11.13
CA TRP A 110 -8.93 -1.54 11.87
C TRP A 110 -9.28 -3.03 11.92
N ASP A 111 -9.21 -3.70 10.77
CA ASP A 111 -9.55 -5.11 10.73
C ASP A 111 -8.49 -5.93 11.46
N ALA A 112 -7.22 -5.59 11.30
CA ALA A 112 -6.16 -6.25 12.04
C ALA A 112 -6.35 -6.15 13.55
N ALA A 113 -6.74 -4.97 14.00
CA ALA A 113 -6.94 -4.69 15.44
C ALA A 113 -8.14 -5.46 15.97
N ALA A 114 -9.21 -5.58 15.16
CA ALA A 114 -10.36 -6.36 15.58
C ALA A 114 -9.95 -7.80 15.81
N PHE A 115 -9.16 -8.37 14.92
CA PHE A 115 -8.68 -9.75 15.08
C PHE A 115 -7.65 -9.87 16.18
N GLY A 116 -6.76 -8.89 16.32
CA GLY A 116 -5.51 -9.08 17.05
C GLY A 116 -5.28 -8.34 18.32
N LEU A 117 -6.08 -7.31 18.59
CA LEU A 117 -5.91 -6.51 19.83
C LEU A 117 -7.07 -6.62 20.79
N ILE A 118 -8.27 -6.77 20.28
CA ILE A 118 -9.45 -6.97 21.11
C ILE A 118 -9.57 -8.40 21.54
N ASP A 119 -9.68 -8.63 22.84
CA ASP A 119 -9.77 -9.98 23.38
C ASP A 119 -11.24 -10.41 23.38
N LYS A 120 -12.03 -9.83 24.25
CA LYS A 120 -13.46 -10.14 24.36
C LYS A 120 -14.35 -9.02 23.82
N ARG A 121 -14.06 -7.77 24.20
CA ARG A 121 -14.98 -6.68 23.95
C ARG A 121 -14.29 -5.32 24.02
N SER A 122 -14.72 -4.41 23.17
CA SER A 122 -14.22 -3.05 23.13
C SER A 122 -15.31 -2.04 23.37
N LEU A 123 -14.89 -0.86 23.83
CA LEU A 123 -15.73 0.32 23.91
C LEU A 123 -15.19 1.30 22.89
N HIS A 124 -16.09 1.84 22.08
CA HIS A 124 -15.74 2.84 21.07
C HIS A 124 -16.50 4.13 21.29
N LEU A 125 -15.79 5.25 21.15
CA LEU A 125 -16.44 6.54 20.94
C LEU A 125 -16.65 6.75 19.42
N THR A 126 -17.83 7.23 19.03
CA THR A 126 -18.12 7.50 17.63
C THR A 126 -18.77 8.88 17.47
N TYR A 127 -18.26 9.65 16.51
CA TYR A 127 -18.63 11.06 16.36
C TYR A 127 -18.30 11.55 14.98
N GLY A 128 -18.21 10.61 14.02
CA GLY A 128 -18.00 10.94 12.64
C GLY A 128 -17.63 9.70 11.85
N GLU A 129 -17.27 9.90 10.60
CA GLU A 129 -17.07 8.78 9.68
C GLU A 129 -16.08 7.74 10.22
N PHE A 130 -14.90 8.20 10.65
CA PHE A 130 -13.81 7.26 10.88
C PHE A 130 -13.90 6.54 12.21
N SER A 131 -14.26 7.29 13.23
CA SER A 131 -14.51 6.70 14.51
C SER A 131 -15.66 5.69 14.43
N ALA A 132 -16.73 6.05 13.71
CA ALA A 132 -17.87 5.13 13.50
C ALA A 132 -17.47 3.91 12.71
N LYS A 133 -16.65 4.07 11.68
CA LYS A 133 -16.37 2.94 10.81
C LYS A 133 -15.56 1.87 11.54
N PHE A 134 -14.65 2.26 12.42
CA PHE A 134 -13.91 1.25 13.18
C PHE A 134 -14.88 0.48 14.10
N ALA A 135 -15.79 1.20 14.75
CA ALA A 135 -16.77 0.53 15.61
C ALA A 135 -17.61 -0.45 14.82
N SER A 136 -18.01 -0.05 13.62
CA SER A 136 -18.84 -0.90 12.75
C SER A 136 -18.07 -2.15 12.32
N ALA A 137 -16.79 -1.97 12.01
CA ALA A 137 -15.94 -3.09 11.63
C ALA A 137 -15.89 -4.13 12.77
N VAL A 138 -15.67 -3.62 13.99
CA VAL A 138 -15.63 -4.47 15.18
C VAL A 138 -17.01 -5.15 15.41
N SER A 139 -18.10 -4.41 15.28
CA SER A 139 -19.43 -4.98 15.46
CA SER A 139 -19.43 -4.97 15.46
CA SER A 139 -19.43 -4.97 15.46
C SER A 139 -19.69 -6.16 14.52
N LYS A 140 -19.21 -6.07 13.27
CA LYS A 140 -19.46 -7.16 12.32
C LYS A 140 -18.51 -8.33 12.44
N ASN A 141 -17.35 -8.11 13.05
CA ASN A 141 -16.32 -9.13 13.10
C ASN A 141 -16.74 -10.26 14.05
N PRO A 142 -16.87 -11.49 13.55
CA PRO A 142 -17.39 -12.56 14.40
C PRO A 142 -16.40 -13.27 15.28
N PHE A 143 -15.26 -12.63 15.51
CA PHE A 143 -14.23 -13.16 16.36
C PHE A 143 -14.14 -12.42 17.70
N VAL A 144 -14.88 -11.31 17.84
CA VAL A 144 -14.90 -10.55 19.07
C VAL A 144 -16.32 -10.18 19.46
N GLY A 145 -16.50 -9.71 20.69
CA GLY A 145 -17.82 -9.40 21.22
C GLY A 145 -18.48 -8.18 20.60
N GLU A 146 -19.68 -7.89 21.07
CA GLU A 146 -20.45 -6.74 20.58
C GLU A 146 -19.97 -5.51 21.33
N PRO A 147 -19.40 -4.53 20.60
CA PRO A 147 -18.82 -3.38 21.30
C PRO A 147 -19.86 -2.49 21.96
N ILE A 148 -19.44 -1.81 23.03
CA ILE A 148 -20.18 -0.68 23.57
C ILE A 148 -19.85 0.53 22.72
N ILE A 149 -20.87 1.18 22.19
CA ILE A 149 -20.69 2.34 21.34
C ILE A 149 -21.30 3.55 22.05
N ILE A 150 -20.46 4.56 22.28
CA ILE A 150 -20.86 5.83 22.88
C ILE A 150 -20.77 6.88 21.79
N THR A 151 -21.91 7.46 21.43
CA THR A 151 -21.90 8.37 20.30
CA THR A 151 -22.02 8.36 20.29
C THR A 151 -22.20 9.81 20.71
N SER A 152 -21.75 10.73 19.87
CA SER A 152 -22.15 12.13 19.95
C SER A 152 -22.51 12.57 18.54
N ASP A 153 -23.16 13.72 18.42
CA ASP A 153 -23.44 14.27 17.10
C ASP A 153 -22.12 14.68 16.44
N PRO A 154 -22.10 14.65 15.10
CA PRO A 154 -20.95 15.21 14.41
C PRO A 154 -20.74 16.69 14.77
N GLY A 155 -19.48 17.07 14.93
CA GLY A 155 -19.11 18.39 15.39
C GLY A 155 -18.84 18.41 16.90
N SER A 156 -19.12 17.29 17.58
CA SER A 156 -18.88 17.15 19.02
CA SER A 156 -18.87 17.16 19.02
C SER A 156 -18.10 15.87 19.26
N ALA A 157 -17.94 15.49 20.52
CA ALA A 157 -17.37 14.20 20.88
C ALA A 157 -17.75 13.84 22.30
N PRO A 158 -17.89 12.53 22.58
CA PRO A 158 -18.06 12.14 23.98
C PRO A 158 -16.72 12.26 24.68
N GLU A 159 -16.73 12.17 26.01
CA GLU A 159 -15.47 12.11 26.78
C GLU A 159 -14.90 10.69 26.73
N PRO A 160 -13.55 10.57 26.60
CA PRO A 160 -12.94 9.27 26.84
C PRO A 160 -13.45 8.64 28.14
N GLN A 161 -13.71 7.35 28.08
CA GLN A 161 -14.30 6.65 29.20
C GLN A 161 -14.09 5.16 29.03
N THR A 162 -14.48 4.40 30.04
CA THR A 162 -14.26 2.96 30.03
C THR A 162 -15.49 2.25 30.59
N ASP A 163 -15.38 0.93 30.69
CA ASP A 163 -16.44 0.07 31.17
C ASP A 163 -15.78 -1.19 31.73
N PRO A 164 -16.36 -1.78 32.80
CA PRO A 164 -15.78 -3.02 33.35
C PRO A 164 -15.72 -4.22 32.41
N SER A 165 -16.58 -4.23 31.39
CA SER A 165 -16.68 -5.38 30.53
C SER A 165 -15.73 -5.33 29.33
N VAL A 166 -14.96 -4.25 29.14
CA VAL A 166 -14.13 -4.15 27.95
C VAL A 166 -12.63 -4.21 28.27
N ASP A 167 -11.88 -4.62 27.24
CA ASP A 167 -10.44 -4.74 27.30
C ASP A 167 -9.71 -3.84 26.30
N VAL A 168 -10.47 -3.08 25.53
CA VAL A 168 -9.97 -2.08 24.59
C VAL A 168 -10.91 -0.90 24.65
N ILE A 169 -10.35 0.31 24.70
CA ILE A 169 -11.14 1.53 24.55
CA ILE A 169 -11.12 1.56 24.58
C ILE A 169 -10.55 2.29 23.38
N ALA A 170 -11.43 2.70 22.44
CA ALA A 170 -11.00 3.22 21.16
C ALA A 170 -11.69 4.51 20.80
N TRP A 171 -10.90 5.45 20.30
CA TRP A 171 -11.42 6.68 19.71
C TRP A 171 -10.38 7.26 18.76
N ALA A 172 -10.78 8.32 18.09
CA ALA A 172 -9.93 8.99 17.13
C ALA A 172 -9.34 10.24 17.72
N HIS A 173 -8.03 10.38 17.60
CA HIS A 173 -7.38 11.62 18.01
C HIS A 173 -7.99 12.80 17.26
N ASN A 174 -8.17 12.61 15.96
CA ASN A 174 -8.73 13.63 15.07
C ASN A 174 -9.73 12.96 14.13
N GLU A 175 -10.97 13.41 14.22
CA GLU A 175 -12.04 12.90 13.34
C GLU A 175 -12.03 13.72 12.08
N THR A 176 -11.44 13.16 11.03
CA THR A 176 -11.15 13.92 9.84
C THR A 176 -12.42 14.43 9.15
N SER A 177 -13.53 13.72 9.32
CA SER A 177 -14.75 14.11 8.66
C SER A 177 -15.43 15.33 9.25
N THR A 178 -15.12 15.65 10.51
CA THR A 178 -15.82 16.70 11.25
C THR A 178 -14.92 17.83 11.78
N GLY A 179 -13.60 17.64 11.75
CA GLY A 179 -12.67 18.63 12.33
C GLY A 179 -12.65 18.70 13.83
N VAL A 180 -12.95 17.57 14.48
CA VAL A 180 -12.90 17.43 15.94
C VAL A 180 -11.68 16.68 16.44
N ALA A 181 -10.98 17.27 17.39
CA ALA A 181 -9.83 16.63 18.01
C ALA A 181 -10.20 16.34 19.45
N VAL A 182 -9.86 15.13 19.90
CA VAL A 182 -10.23 14.61 21.23
C VAL A 182 -8.92 14.37 22.00
N ALA A 183 -8.90 14.74 23.27
CA ALA A 183 -7.74 14.50 24.13
C ALA A 183 -7.36 13.03 24.14
N VAL A 184 -6.05 12.78 24.25
CA VAL A 184 -5.51 11.43 24.35
C VAL A 184 -5.00 11.22 25.76
N ARG A 185 -5.87 10.69 26.61
CA ARG A 185 -5.53 10.43 27.98
C ARG A 185 -6.11 9.11 28.38
N ARG A 186 -5.41 8.39 29.24
CA ARG A 186 -5.88 7.11 29.68
C ARG A 186 -6.99 7.38 30.72
N PRO A 187 -8.26 6.97 30.46
CA PRO A 187 -9.33 7.26 31.42
C PRO A 187 -9.10 6.63 32.78
N GLU A 188 -9.60 7.30 33.81
CA GLU A 188 -9.54 6.76 35.16
C GLU A 188 -10.27 5.41 35.21
N GLY A 189 -9.64 4.46 35.90
CA GLY A 189 -10.24 3.15 36.10
C GLY A 189 -10.19 2.25 34.89
N SER A 190 -9.34 2.58 33.92
CA SER A 190 -9.24 1.78 32.71
C SER A 190 -8.11 0.75 32.76
N ASP A 191 -7.70 0.34 33.95
CA ASP A 191 -6.57 -0.55 34.14
C ASP A 191 -6.69 -1.83 33.35
N ALA A 193 -7.63 -2.21 30.35
CA ALA A 193 -7.98 -1.96 28.95
C ALA A 193 -6.90 -1.25 28.17
N LEU A 194 -6.70 -1.63 26.91
CA LEU A 194 -5.74 -0.97 26.04
C LEU A 194 -6.38 0.26 25.42
N VAL A 195 -5.63 1.34 25.37
CA VAL A 195 -6.08 2.55 24.77
C VAL A 195 -5.62 2.55 23.30
N VAL A 196 -6.58 2.49 22.39
CA VAL A 196 -6.36 2.27 20.97
C VAL A 196 -6.88 3.48 20.16
N ILE A 197 -5.93 4.26 19.64
CA ILE A 197 -6.22 5.59 19.14
C ILE A 197 -5.96 5.69 17.65
N ASP A 198 -7.01 6.02 16.90
CA ASP A 198 -6.92 6.30 15.50
C ASP A 198 -6.39 7.71 15.35
N ALA A 199 -5.08 7.79 15.07
CA ALA A 199 -4.40 9.07 14.90
C ALA A 199 -4.07 9.32 13.43
N THR A 200 -4.82 8.69 12.53
CA THR A 200 -4.51 8.81 11.13
C THR A 200 -4.31 10.27 10.66
N SER A 201 -5.22 11.15 11.06
CA SER A 201 -5.08 12.57 10.67
C SER A 201 -4.54 13.45 11.78
N GLY A 202 -4.27 12.89 12.95
CA GLY A 202 -3.73 13.64 14.10
C GLY A 202 -2.23 13.47 14.32
N ALA A 203 -1.74 12.26 14.10
CA ALA A 203 -0.34 11.95 14.35
C ALA A 203 0.65 12.85 13.60
N GLY A 204 1.47 13.58 14.35
CA GLY A 204 2.50 14.41 13.73
C GLY A 204 2.09 15.90 13.66
N GLY A 205 0.81 16.18 13.92
CA GLY A 205 0.32 17.56 13.95
C GLY A 205 -0.32 18.06 15.22
N LEU A 206 -0.58 17.14 16.16
CA LEU A 206 -1.26 17.41 17.43
C LEU A 206 -0.41 16.88 18.57
N PRO A 207 -0.51 17.46 19.75
CA PRO A 207 0.29 16.98 20.86
C PRO A 207 -0.17 15.61 21.32
N VAL A 208 0.75 14.78 21.81
CA VAL A 208 0.36 13.50 22.41
C VAL A 208 1.44 13.04 23.40
N ASP A 209 0.99 12.52 24.53
CA ASP A 209 1.83 11.79 25.44
C ASP A 209 1.61 10.32 25.13
N ILE A 210 2.57 9.71 24.44
CA ILE A 210 2.42 8.31 24.00
C ILE A 210 2.22 7.31 25.15
N ALA A 211 2.71 7.64 26.34
CA ALA A 211 2.50 6.78 27.48
C ALA A 211 1.02 6.59 27.86
N GLU A 212 0.16 7.49 27.41
CA GLU A 212 -1.28 7.39 27.64
CA GLU A 212 -1.29 7.42 27.62
C GLU A 212 -1.95 6.40 26.69
N THR A 213 -1.18 5.85 25.75
CA THR A 213 -1.71 4.99 24.68
C THR A 213 -1.10 3.61 24.72
N ASP A 214 -1.79 2.69 24.08
CA ASP A 214 -1.27 1.34 23.85
C ASP A 214 -1.14 0.98 22.37
N ALA A 215 -2.00 1.54 21.54
CA ALA A 215 -1.81 1.51 20.11
C ALA A 215 -2.20 2.85 19.54
N TYR A 216 -1.25 3.59 18.98
CA TYR A 216 -1.48 4.91 18.42
C TYR A 216 -1.12 4.75 16.94
N TYR A 217 -2.13 4.64 16.09
CA TYR A 217 -1.95 4.23 14.70
C TYR A 217 -2.33 5.32 13.70
N PHE A 218 -1.74 5.20 12.51
CA PHE A 218 -1.90 6.23 11.50
C PHE A 218 -1.42 5.69 10.15
N ALA A 219 -1.52 6.54 9.15
CA ALA A 219 -1.09 6.25 7.81
C ALA A 219 -0.35 7.51 7.36
N PRO A 220 0.43 7.42 6.25
CA PRO A 220 1.36 8.51 5.94
C PRO A 220 0.87 9.73 5.24
N GLN A 221 -0.37 9.75 4.79
CA GLN A 221 -0.80 10.76 3.81
C GLN A 221 -1.42 12.04 4.37
N LYS A 222 -1.36 12.20 5.68
CA LYS A 222 -1.85 13.41 6.37
C LYS A 222 -0.65 14.23 6.87
N ASN A 223 -0.44 14.31 8.18
CA ASN A 223 0.66 15.12 8.70
C ASN A 223 2.01 14.69 8.15
N PHE A 224 2.16 13.42 7.78
CA PHE A 224 3.43 12.92 7.23
C PHE A 224 3.68 13.16 5.74
N ALA A 225 2.72 13.75 5.04
CA ALA A 225 2.93 14.28 3.69
C ALA A 225 3.48 13.22 2.75
N SER A 226 2.97 12.00 2.87
CA SER A 226 3.38 10.89 2.01
C SER A 226 2.13 10.28 1.39
N ASP A 227 2.22 9.02 0.97
CA ASP A 227 1.16 8.32 0.27
C ASP A 227 0.48 7.36 1.22
N GLY A 228 -0.77 7.01 0.88
CA GLY A 228 -1.51 5.93 1.49
C GLY A 228 -0.91 4.59 1.20
N GLY A 229 -1.48 3.57 1.82
CA GLY A 229 -1.13 2.18 1.55
C GLY A 229 -0.19 1.53 2.55
N LEU A 230 0.12 2.25 3.64
CA LEU A 230 0.93 1.72 4.72
C LEU A 230 0.27 2.19 6.01
N TRP A 231 0.16 1.30 6.97
CA TRP A 231 -0.20 1.69 8.32
C TRP A 231 1.03 1.62 9.21
N LEU A 232 1.02 2.46 10.23
CA LEU A 232 2.01 2.49 11.29
C LEU A 232 1.27 2.53 12.60
N ALA A 233 1.80 1.79 13.55
CA ALA A 233 1.21 1.74 14.90
C ALA A 233 2.28 1.73 15.96
N ILE A 234 2.25 2.76 16.79
CA ILE A 234 3.11 2.83 17.97
C ILE A 234 2.44 2.00 19.06
N MET A 235 3.12 0.93 19.52
CA MET A 235 2.50 0.02 20.48
CA MET A 235 2.52 -0.06 20.44
C MET A 235 3.25 -0.11 21.79
N SER A 236 2.50 -0.13 22.90
CA SER A 236 3.08 -0.30 24.23
C SER A 236 3.46 -1.75 24.48
N PRO A 237 4.29 -1.99 25.52
CA PRO A 237 4.52 -3.36 25.90
C PRO A 237 3.23 -4.14 26.22
N ALA A 238 2.25 -3.52 26.88
CA ALA A 238 0.99 -4.19 27.15
C ALA A 238 0.29 -4.61 25.88
N ALA A 239 0.27 -3.76 24.85
CA ALA A 239 -0.34 -4.11 23.57
C ALA A 239 0.40 -5.27 22.93
N LEU A 240 1.72 -5.20 22.94
CA LEU A 240 2.53 -6.26 22.31
C LEU A 240 2.28 -7.60 22.98
N SER A 241 2.21 -7.59 24.31
CA SER A 241 1.97 -8.83 25.06
CA SER A 241 1.96 -8.84 25.03
C SER A 241 0.53 -9.33 24.79
N ARG A 242 -0.40 -8.41 24.61
CA ARG A 242 -1.77 -8.78 24.29
C ARG A 242 -1.87 -9.45 22.93
N ILE A 243 -1.20 -8.89 21.95
CA ILE A 243 -1.16 -9.48 20.60
C ILE A 243 -0.67 -10.93 20.66
N GLU A 244 0.38 -11.13 21.39
CA GLU A 244 0.97 -12.45 21.57
C GLU A 244 0.02 -13.41 22.28
N ALA A 245 -0.68 -12.92 23.30
CA ALA A 245 -1.62 -13.73 24.05
C ALA A 245 -2.82 -14.17 23.21
N ILE A 246 -3.36 -13.23 22.42
CA ILE A 246 -4.49 -13.56 21.55
C ILE A 246 -4.06 -14.59 20.51
N ALA A 247 -2.88 -14.42 19.98
CA ALA A 247 -2.39 -15.40 19.01
C ALA A 247 -2.32 -16.80 19.62
N ALA A 248 -1.90 -16.87 20.88
CA ALA A 248 -1.72 -18.14 21.56
C ALA A 248 -3.04 -18.83 21.91
N THR A 249 -4.17 -18.14 21.83
CA THR A 249 -5.49 -18.80 21.95
C THR A 249 -5.87 -19.64 20.74
N GLY A 250 -5.13 -19.48 19.65
CA GLY A 250 -5.42 -20.17 18.41
C GLY A 250 -6.36 -19.42 17.51
N ARG A 251 -6.85 -18.25 17.93
CA ARG A 251 -7.78 -17.48 17.09
C ARG A 251 -7.21 -17.31 15.69
N TRP A 252 -8.02 -17.63 14.70
CA TRP A 252 -7.60 -17.47 13.30
C TRP A 252 -7.55 -15.99 12.96
N VAL A 253 -6.56 -15.63 12.16
CA VAL A 253 -6.52 -14.32 11.50
C VAL A 253 -5.95 -14.56 10.10
N PRO A 254 -6.52 -13.93 9.09
CA PRO A 254 -5.88 -13.98 7.77
C PRO A 254 -4.47 -13.39 7.88
N ASP A 255 -3.49 -14.02 7.24
CA ASP A 255 -2.08 -13.64 7.38
CA ASP A 255 -2.12 -13.60 7.50
C ASP A 255 -1.85 -12.15 7.08
N PHE A 256 -2.55 -11.61 6.07
CA PHE A 256 -2.33 -10.22 5.72
C PHE A 256 -2.70 -9.25 6.85
N LEU A 257 -3.66 -9.63 7.69
CA LEU A 257 -4.15 -8.81 8.80
C LEU A 257 -3.58 -9.23 10.13
N SER A 258 -2.55 -10.09 10.10
CA SER A 258 -1.94 -10.59 11.32
C SER A 258 -1.02 -9.61 11.99
N LEU A 259 -1.43 -9.14 13.16
CA LEU A 259 -0.54 -8.31 13.98
C LEU A 259 0.68 -9.10 14.50
N PRO A 260 0.51 -10.36 14.93
CA PRO A 260 1.72 -11.11 15.26
C PRO A 260 2.78 -11.10 14.16
N ILE A 261 2.35 -11.35 12.93
CA ILE A 261 3.29 -11.37 11.81
C ILE A 261 3.85 -9.97 11.52
N ALA A 262 3.01 -8.95 11.61
CA ALA A 262 3.50 -7.59 11.44
C ALA A 262 4.55 -7.22 12.47
N VAL A 263 4.32 -7.62 13.72
CA VAL A 263 5.27 -7.31 14.79
C VAL A 263 6.61 -8.02 14.51
N GLU A 264 6.58 -9.32 14.23
CA GLU A 264 7.83 -10.04 14.05
CA GLU A 264 7.77 -10.10 13.99
C GLU A 264 8.65 -9.44 12.93
N ASN A 265 8.00 -8.99 11.86
CA ASN A 265 8.69 -8.37 10.75
C ASN A 265 9.18 -6.97 11.08
N SER A 266 8.34 -6.20 11.77
CA SER A 266 8.66 -4.82 12.07
C SER A 266 9.89 -4.70 12.94
N LEU A 267 10.05 -5.63 13.88
CA LEU A 267 11.20 -5.62 14.79
C LEU A 267 12.49 -5.86 14.05
N LYS A 268 12.42 -6.39 12.82
CA LYS A 268 13.62 -6.57 12.01
CA LYS A 268 13.58 -6.65 11.96
C LYS A 268 13.58 -5.70 10.74
N ASN A 269 12.95 -4.55 10.89
CA ASN A 269 12.92 -3.52 9.82
C ASN A 269 12.30 -3.99 8.51
N GLN A 270 11.22 -4.77 8.65
CA GLN A 270 10.52 -5.35 7.52
C GLN A 270 9.02 -5.32 7.75
N THR A 271 8.31 -5.55 6.67
CA THR A 271 6.88 -5.75 6.67
C THR A 271 6.59 -7.16 6.17
N TYR A 272 5.38 -7.63 6.39
CA TYR A 272 5.06 -9.00 5.99
C TYR A 272 5.23 -9.22 4.49
N ASN A 273 4.68 -8.29 3.70
CA ASN A 273 4.78 -8.37 2.24
C ASN A 273 5.41 -7.10 1.72
N THR A 274 5.41 -6.89 0.42
CA THR A 274 6.31 -5.90 -0.16
C THR A 274 5.78 -4.49 0.02
N PRO A 275 6.52 -3.60 0.70
CA PRO A 275 6.06 -2.23 0.88
C PRO A 275 6.46 -1.33 -0.26
N ALA A 276 5.76 -0.22 -0.44
CA ALA A 276 6.13 0.78 -1.41
C ALA A 276 7.33 1.59 -0.95
N ILE A 277 8.37 1.60 -1.74
CA ILE A 277 9.57 2.35 -1.42
C ILE A 277 9.30 3.85 -1.48
N ALA A 278 8.47 4.30 -2.42
CA ALA A 278 8.22 5.74 -2.48
C ALA A 278 7.55 6.21 -1.18
N THR A 279 6.62 5.40 -0.67
CA THR A 279 5.86 5.80 0.50
C THR A 279 6.81 5.94 1.69
N LEU A 280 7.69 4.97 1.84
CA LEU A 280 8.67 4.99 2.89
C LEU A 280 9.63 6.17 2.73
N ALA A 281 10.07 6.43 1.52
CA ALA A 281 11.03 7.50 1.26
C ALA A 281 10.44 8.87 1.57
N LEU A 282 9.21 9.11 1.12
CA LEU A 282 8.57 10.42 1.40
C LEU A 282 8.31 10.57 2.89
N LEU A 283 7.91 9.48 3.54
CA LEU A 283 7.64 9.47 4.98
C LEU A 283 8.91 9.76 5.76
N ALA A 284 10.01 9.09 5.43
CA ALA A 284 11.30 9.35 6.10
C ALA A 284 11.74 10.78 5.95
N GLU A 285 11.59 11.33 4.75
CA GLU A 285 11.98 12.72 4.54
CA GLU A 285 11.99 12.72 4.52
C GLU A 285 11.16 13.68 5.39
N GLN A 286 9.86 13.43 5.50
CA GLN A 286 9.01 14.30 6.30
C GLN A 286 9.34 14.18 7.78
N ILE A 287 9.58 12.95 8.25
CA ILE A 287 9.98 12.78 9.65
C ILE A 287 11.24 13.55 9.96
N ASP A 288 12.23 13.41 9.08
CA ASP A 288 13.49 14.11 9.26
C ASP A 288 13.29 15.62 9.27
N TRP A 289 12.39 16.13 8.43
CA TRP A 289 12.12 17.56 8.34
C TRP A 289 11.49 18.05 9.65
N LEU A 290 10.50 17.29 10.13
CA LEU A 290 9.83 17.65 11.37
C LEU A 290 10.80 17.65 12.54
N VAL A 291 11.59 16.58 12.65
CA VAL A 291 12.58 16.50 13.73
C VAL A 291 13.60 17.65 13.61
N GLY A 292 14.07 17.91 12.38
CA GLY A 292 15.06 18.93 12.14
C GLY A 292 14.58 20.33 12.46
N ASN A 293 13.28 20.55 12.41
CA ASN A 293 12.70 21.87 12.65
C ASN A 293 12.37 22.08 14.14
N GLY A 294 12.53 21.04 14.95
CA GLY A 294 12.26 21.10 16.38
C GLY A 294 11.28 20.07 16.91
N GLY A 295 10.87 19.12 16.07
CA GLY A 295 10.08 18.01 16.55
C GLY A 295 8.61 18.27 16.65
N LEU A 296 7.94 17.40 17.41
CA LEU A 296 6.49 17.50 17.55
C LEU A 296 6.06 18.86 18.12
N ASP A 297 6.82 19.41 19.05
CA ASP A 297 6.48 20.72 19.61
C ASP A 297 6.44 21.79 18.52
N TRP A 298 7.38 21.75 17.58
CA TRP A 298 7.39 22.69 16.44
C TRP A 298 6.16 22.48 15.54
N ALA A 299 5.87 21.23 15.25
CA ALA A 299 4.73 20.84 14.40
C ALA A 299 3.44 21.37 15.01
N VAL A 300 3.31 21.23 16.32
CA VAL A 300 2.10 21.63 17.02
C VAL A 300 1.98 23.14 17.05
N LYS A 301 3.10 23.84 17.20
CA LYS A 301 3.06 25.29 17.08
C LYS A 301 2.67 25.76 15.69
N ARG A 302 3.18 25.06 14.69
CA ARG A 302 2.82 25.35 13.31
C ARG A 302 1.33 25.18 13.00
N THR A 303 0.78 24.04 13.37
CA THR A 303 -0.63 23.81 13.10
C THR A 303 -1.48 24.75 13.99
N ALA A 304 -1.01 25.11 15.18
CA ALA A 304 -1.69 26.16 15.97
C ALA A 304 -1.74 27.49 15.24
N ASP A 305 -0.63 27.87 14.61
CA ASP A 305 -0.53 29.13 13.88
C ASP A 305 -1.55 29.11 12.75
N SER A 306 -1.48 28.08 11.92
CA SER A 306 -2.41 27.95 10.80
C SER A 306 -3.86 27.97 11.22
N SER A 307 -4.21 27.17 12.22
CA SER A 307 -5.62 27.01 12.57
C SER A 307 -6.15 28.26 13.25
N GLN A 308 -5.29 28.96 14.00
CA GLN A 308 -5.69 30.27 14.58
CA GLN A 308 -5.69 30.25 14.59
C GLN A 308 -6.11 31.22 13.49
N ARG A 309 -5.40 31.19 12.36
CA ARG A 309 -5.74 32.10 11.26
C ARG A 309 -7.11 31.74 10.69
N LEU A 310 -7.33 30.45 10.51
CA LEU A 310 -8.60 29.97 9.96
C LEU A 310 -9.79 30.27 10.89
N TYR A 311 -9.67 29.86 12.14
CA TYR A 311 -10.79 30.02 13.04
C TYR A 311 -11.09 31.47 13.38
N SER A 312 -10.05 32.31 13.50
CA SER A 312 -10.30 33.74 13.78
CA SER A 312 -10.27 33.75 13.76
C SER A 312 -11.05 34.38 12.61
N TRP A 313 -10.64 34.08 11.40
CA TRP A 313 -11.35 34.55 10.19
C TRP A 313 -12.79 34.05 10.15
N ALA A 314 -12.98 32.78 10.47
CA ALA A 314 -14.33 32.21 10.42
C ALA A 314 -15.24 32.86 11.45
N GLN A 315 -14.68 33.21 12.60
CA GLN A 315 -15.45 33.92 13.62
C GLN A 315 -15.73 35.35 13.21
N GLU A 316 -14.77 35.99 12.56
CA GLU A 316 -14.92 37.40 12.15
C GLU A 316 -15.96 37.66 11.05
N ARG A 317 -16.09 36.74 10.09
CA ARG A 317 -16.97 36.94 8.98
C ARG A 317 -18.40 36.53 9.33
N PRO A 318 -19.38 37.31 8.90
CA PRO A 318 -20.76 36.99 9.27
C PRO A 318 -21.38 35.84 8.48
N TYR A 319 -20.75 35.45 7.37
N TYR A 319 -20.73 35.41 7.40
CA TYR A 319 -21.25 34.33 6.55
CA TYR A 319 -21.22 34.32 6.55
C TYR A 319 -20.64 32.97 6.91
C TYR A 319 -20.50 32.99 6.81
N THR A 320 -19.69 32.94 7.86
CA THR A 320 -19.00 31.72 8.25
C THR A 320 -19.14 31.52 9.74
N THR A 321 -18.94 30.27 10.19
CA THR A 321 -18.81 29.95 11.61
C THR A 321 -18.12 28.59 11.70
N PRO A 322 -17.23 28.42 12.70
CA PRO A 322 -16.71 27.05 12.89
C PRO A 322 -17.84 26.03 13.14
N PHE A 323 -17.83 24.91 12.42
CA PHE A 323 -18.80 23.84 12.64
C PHE A 323 -18.73 23.33 14.08
N VAL A 324 -17.51 23.21 14.59
CA VAL A 324 -17.26 22.75 15.93
C VAL A 324 -17.42 23.92 16.91
N THR A 325 -18.46 23.86 17.76
CA THR A 325 -18.80 24.98 18.62
C THR A 325 -17.99 25.04 19.91
N ASP A 326 -17.51 23.89 20.38
CA ASP A 326 -16.66 23.87 21.55
C ASP A 326 -15.24 24.13 21.11
N PRO A 327 -14.64 25.28 21.46
CA PRO A 327 -13.28 25.57 21.02
C PRO A 327 -12.28 24.54 21.45
N GLY A 328 -12.53 23.90 22.59
CA GLY A 328 -11.65 22.84 23.09
C GLY A 328 -11.57 21.61 22.20
N LEU A 329 -12.56 21.45 21.31
CA LEU A 329 -12.59 20.34 20.35
C LEU A 329 -12.15 20.72 18.94
N ARG A 330 -11.89 21.99 18.68
CA ARG A 330 -11.54 22.44 17.34
C ARG A 330 -10.16 21.97 16.95
N SER A 331 -10.11 21.13 15.94
CA SER A 331 -8.86 20.56 15.50
C SER A 331 -7.89 21.61 14.96
N GLN A 332 -6.64 21.51 15.38
CA GLN A 332 -5.59 22.31 14.75
C GLN A 332 -5.26 21.92 13.32
N VAL A 333 -5.58 20.66 12.93
CA VAL A 333 -5.13 20.15 11.65
C VAL A 333 -6.19 20.06 10.57
N VAL A 334 -7.46 19.91 10.94
CA VAL A 334 -8.56 19.86 9.98
C VAL A 334 -9.67 20.79 10.46
N GLY A 335 -9.93 21.86 9.71
CA GLY A 335 -10.87 22.92 10.10
C GLY A 335 -12.14 22.85 9.29
N THR A 336 -13.27 22.63 9.94
CA THR A 336 -14.57 22.58 9.26
C THR A 336 -15.32 23.89 9.46
N ILE A 337 -15.54 24.62 8.37
CA ILE A 337 -16.12 25.96 8.46
C ILE A 337 -17.48 25.97 7.76
N ASP A 338 -18.54 26.12 8.54
CA ASP A 338 -19.89 26.18 7.98
C ASP A 338 -20.13 27.55 7.36
N PHE A 339 -20.96 27.59 6.32
CA PHE A 339 -21.37 28.83 5.70
C PHE A 339 -22.84 29.05 5.93
N VAL A 340 -23.26 30.30 6.11
CA VAL A 340 -24.68 30.61 6.22
C VAL A 340 -25.46 30.25 4.94
N ASP A 341 -26.78 30.20 5.09
CA ASP A 341 -27.71 29.83 4.01
C ASP A 341 -27.44 30.52 2.69
N ASP A 342 -27.15 31.82 2.72
CA ASP A 342 -27.17 32.57 1.50
C ASP A 342 -25.81 32.61 0.82
N VAL A 343 -24.80 31.96 1.40
CA VAL A 343 -23.51 31.80 0.72
C VAL A 343 -23.28 30.31 0.51
N ASP A 344 -23.20 29.92 -0.76
CA ASP A 344 -23.11 28.51 -1.13
C ASP A 344 -21.66 28.07 -1.13
N ALA A 345 -21.29 27.29 -0.11
CA ALA A 345 -19.91 26.83 0.02
C ALA A 345 -19.53 25.88 -1.12
N GLY A 346 -20.50 25.17 -1.69
CA GLY A 346 -20.25 24.32 -2.86
C GLY A 346 -19.76 25.13 -4.05
N THR A 347 -20.39 26.26 -4.27
CA THR A 347 -19.97 27.16 -5.33
C THR A 347 -18.58 27.71 -5.03
N VAL A 348 -18.37 28.12 -3.79
CA VAL A 348 -17.05 28.62 -3.38
C VAL A 348 -15.95 27.57 -3.64
N ALA A 349 -16.18 26.35 -3.22
CA ALA A 349 -15.21 25.28 -3.45
C ALA A 349 -14.94 25.05 -4.94
N LYS A 350 -15.98 25.12 -5.75
CA LYS A 350 -15.81 24.92 -7.19
C LYS A 350 -14.95 26.00 -7.80
N ILE A 351 -15.19 27.25 -7.38
CA ILE A 351 -14.46 28.38 -7.91
C ILE A 351 -13.02 28.30 -7.45
N LEU A 352 -12.81 27.97 -6.19
CA LEU A 352 -11.46 27.76 -5.69
C LEU A 352 -10.74 26.70 -6.52
N ARG A 353 -11.40 25.57 -6.75
CA ARG A 353 -10.83 24.45 -7.49
C ARG A 353 -10.44 24.87 -8.91
N ALA A 354 -11.30 25.63 -9.56
CA ALA A 354 -11.03 26.10 -10.93
C ALA A 354 -9.83 27.04 -10.98
N ASN A 355 -9.53 27.65 -9.83
CA ASN A 355 -8.38 28.51 -9.62
C ASN A 355 -7.18 27.84 -8.97
N GLY A 356 -7.17 26.51 -8.96
CA GLY A 356 -6.04 25.75 -8.45
C GLY A 356 -5.92 25.62 -6.96
N ILE A 357 -7.02 25.91 -6.23
CA ILE A 357 -7.06 25.82 -4.79
C ILE A 357 -8.03 24.69 -4.49
N VAL A 358 -7.47 23.54 -4.10
CA VAL A 358 -8.19 22.26 -4.24
C VAL A 358 -8.43 21.57 -2.89
N ASP A 359 -9.44 20.73 -2.92
CA ASP A 359 -9.76 19.76 -1.91
C ASP A 359 -10.27 20.46 -0.65
N THR A 360 -11.06 21.54 -0.83
CA THR A 360 -11.72 22.20 0.29
C THR A 360 -13.14 21.71 0.47
N GLU A 361 -13.60 20.78 -0.40
CA GLU A 361 -14.93 20.24 -0.25
C GLU A 361 -15.08 19.53 1.10
N PRO A 362 -16.28 19.55 1.69
CA PRO A 362 -16.42 18.85 2.93
C PRO A 362 -16.39 17.35 2.69
N TYR A 363 -16.22 16.59 3.76
CA TYR A 363 -16.19 15.16 3.63
C TYR A 363 -17.46 14.75 2.89
N ARG A 364 -17.28 13.87 1.90
CA ARG A 364 -18.30 13.61 0.88
C ARG A 364 -19.64 13.13 1.43
N LYS A 365 -19.63 12.50 2.60
CA LYS A 365 -20.83 11.97 3.22
C LYS A 365 -21.55 12.90 4.22
N LEU A 366 -20.93 14.01 4.62
CA LEU A 366 -21.44 14.83 5.74
C LEU A 366 -22.74 15.61 5.41
N GLY A 367 -22.88 16.10 4.18
CA GLY A 367 -24.11 16.79 3.74
C GLY A 367 -24.38 18.22 4.25
N ARG A 368 -23.31 18.97 4.53
CA ARG A 368 -23.42 20.35 5.04
C ARG A 368 -22.88 21.39 4.06
N ASN A 369 -23.31 22.63 4.26
CA ASN A 369 -22.85 23.77 3.49
C ASN A 369 -21.60 24.28 4.18
N GLN A 370 -20.46 23.69 3.81
CA GLN A 370 -19.24 23.77 4.58
C GLN A 370 -18.02 23.64 3.71
N LEU A 371 -16.91 24.24 4.16
CA LEU A 371 -15.58 23.94 3.62
C LEU A 371 -14.79 23.22 4.68
N ARG A 372 -13.87 22.36 4.24
CA ARG A 372 -13.00 21.66 5.15
C ARG A 372 -11.57 21.95 4.68
N VAL A 373 -10.75 22.46 5.58
CA VAL A 373 -9.42 22.96 5.26
C VAL A 373 -8.38 22.23 6.13
N ALA A 374 -7.46 21.54 5.48
CA ALA A 374 -6.34 20.89 6.19
C ALA A 374 -5.18 21.84 6.42
N MET A 375 -4.50 21.64 7.55
CA MET A 375 -3.51 22.56 8.04
C MET A 375 -2.36 21.80 8.67
N PHE A 376 -2.08 20.63 8.09
CA PHE A 376 -0.95 19.78 8.47
C PHE A 376 0.34 20.60 8.33
N PRO A 377 1.42 20.16 9.00
CA PRO A 377 2.61 21.02 9.03
C PRO A 377 3.21 21.38 7.69
N ALA A 378 3.09 20.55 6.67
CA ALA A 378 3.57 20.96 5.35
C ALA A 378 2.89 22.22 4.82
N VAL A 379 1.62 22.43 5.21
CA VAL A 379 0.87 23.62 4.82
C VAL A 379 1.47 24.85 5.54
N GLU A 380 1.76 25.89 4.78
CA GLU A 380 2.31 27.12 5.31
CA GLU A 380 2.32 27.12 5.31
C GLU A 380 1.21 27.94 5.93
N PRO A 381 1.39 28.38 7.19
CA PRO A 381 0.38 29.27 7.81
C PRO A 381 -0.01 30.46 6.96
N ASP A 382 0.96 31.11 6.32
CA ASP A 382 0.62 32.22 5.40
C ASP A 382 -0.33 31.82 4.26
N ASP A 383 -0.25 30.57 3.81
CA ASP A 383 -1.15 30.10 2.76
C ASP A 383 -2.58 29.92 3.27
N VAL A 384 -2.74 29.61 4.56
CA VAL A 384 -4.08 29.52 5.17
C VAL A 384 -4.67 30.94 5.18
N SER A 385 -3.87 31.93 5.59
CA SER A 385 -4.26 33.34 5.51
C SER A 385 -4.66 33.71 4.08
N ALA A 386 -3.85 33.32 3.11
CA ALA A 386 -4.16 33.62 1.71
C ALA A 386 -5.48 32.99 1.28
N LEU A 387 -5.66 31.72 1.65
CA LEU A 387 -6.92 31.04 1.36
C LEU A 387 -8.11 31.84 1.85
N THR A 388 -8.04 32.37 3.07
CA THR A 388 -9.19 33.10 3.61
C THR A 388 -9.45 34.38 2.81
N GLU A 389 -8.38 35.04 2.37
CA GLU A 389 -8.54 36.21 1.51
CA GLU A 389 -8.55 36.22 1.52
C GLU A 389 -9.17 35.84 0.16
N CYS A 390 -8.79 34.68 -0.38
CA CYS A 390 -9.39 34.20 -1.63
C CYS A 390 -10.89 33.90 -1.45
N VAL A 391 -11.26 33.28 -0.34
CA VAL A 391 -12.67 33.03 -0.08
C VAL A 391 -13.44 34.34 0.03
N ASP A 392 -12.89 35.32 0.75
CA ASP A 392 -13.54 36.65 0.88
C ASP A 392 -13.71 37.26 -0.52
N TRP A 393 -12.68 37.16 -1.35
CA TRP A 393 -12.72 37.79 -2.68
C TRP A 393 -13.80 37.14 -3.53
N VAL A 394 -13.91 35.82 -3.44
CA VAL A 394 -14.92 35.09 -4.19
C VAL A 394 -16.32 35.45 -3.70
N VAL A 395 -16.52 35.38 -2.39
CA VAL A 395 -17.85 35.56 -1.82
C VAL A 395 -18.39 36.95 -2.13
N GLU A 396 -17.54 37.97 -2.11
CA GLU A 396 -17.93 39.33 -2.47
C GLU A 396 -18.43 39.44 -3.91
N ARG A 397 -18.06 38.48 -4.76
CA ARG A 397 -18.40 38.50 -6.18
C ARG A 397 -19.45 37.44 -6.59
N LEU A 398 -20.01 36.73 -5.62
CA LEU A 398 -21.13 35.81 -5.89
C LEU A 398 -22.44 36.57 -6.04
N HIS B 30 38.83 -7.20 -1.58
CA HIS B 30 37.80 -6.69 -2.52
C HIS B 30 38.19 -6.99 -3.97
N LEU B 31 37.26 -7.51 -4.77
CA LEU B 31 37.40 -7.57 -6.22
C LEU B 31 36.60 -6.42 -6.83
N GLU B 32 37.27 -5.61 -7.63
CA GLU B 32 36.66 -4.47 -8.29
C GLU B 32 36.42 -4.85 -9.72
N ILE B 33 35.14 -5.04 -10.06
CA ILE B 33 34.79 -5.46 -11.41
C ILE B 33 35.02 -4.29 -12.35
N PRO B 34 35.72 -4.52 -13.48
CA PRO B 34 36.01 -3.42 -14.39
C PRO B 34 34.74 -2.78 -14.89
N THR B 35 34.72 -1.44 -14.88
CA THR B 35 33.56 -0.70 -15.31
C THR B 35 33.08 -1.07 -16.71
N ALA B 36 34.01 -1.34 -17.60
CA ALA B 36 33.68 -1.65 -19.00
C ALA B 36 32.78 -2.87 -19.21
N ILE B 37 32.79 -3.83 -18.29
CA ILE B 37 31.94 -5.01 -18.47
C ILE B 37 30.66 -4.99 -17.64
N LYS B 38 30.47 -3.96 -16.83
CA LYS B 38 29.31 -3.89 -15.95
C LYS B 38 28.02 -3.51 -16.67
N PRO B 39 26.89 -4.00 -16.18
CA PRO B 39 25.63 -3.56 -16.75
C PRO B 39 25.37 -2.10 -16.49
N ARG B 40 24.56 -1.48 -17.33
CA ARG B 40 24.22 -0.07 -17.15
C ARG B 40 23.39 0.12 -15.88
N ASP B 41 22.53 -0.86 -15.58
CA ASP B 41 21.69 -0.84 -14.38
C ASP B 41 21.92 -2.15 -13.65
N GLY B 42 22.30 -2.08 -12.39
CA GLY B 42 22.66 -3.27 -11.64
C GLY B 42 21.50 -3.98 -10.94
N ARG B 43 20.27 -3.51 -11.14
CA ARG B 43 19.12 -4.11 -10.43
C ARG B 43 18.57 -5.31 -11.13
N PHE B 44 18.84 -6.49 -10.54
CA PHE B 44 18.31 -7.77 -11.05
C PHE B 44 17.32 -8.43 -10.11
N GLY B 45 16.78 -7.69 -9.14
CA GLY B 45 15.79 -8.25 -8.21
C GLY B 45 14.48 -8.61 -8.88
N SER B 46 13.81 -9.60 -8.27
CA SER B 46 12.61 -10.22 -8.79
CA SER B 46 12.59 -10.13 -8.84
C SER B 46 11.35 -9.60 -8.17
N GLY B 47 11.47 -8.41 -7.58
CA GLY B 47 10.33 -7.70 -6.99
C GLY B 47 10.65 -7.30 -5.56
N PRO B 48 10.79 -5.99 -5.30
CA PRO B 48 10.86 -4.84 -6.19
C PRO B 48 11.87 -5.09 -7.29
N SER B 49 11.72 -4.35 -8.39
CA SER B 49 12.58 -4.49 -9.55
C SER B 49 12.82 -3.16 -10.24
N LYS B 50 13.76 -3.18 -11.16
CA LYS B 50 14.22 -1.99 -11.81
C LYS B 50 13.11 -1.05 -12.23
N VAL B 51 13.21 0.19 -11.76
CA VAL B 51 12.33 1.27 -12.14
C VAL B 51 13.13 2.17 -13.03
N ARG B 52 12.68 2.38 -14.26
CA ARG B 52 13.47 3.18 -15.19
C ARG B 52 13.56 4.62 -14.71
N LEU B 53 14.71 5.27 -14.86
CA LEU B 53 14.85 6.63 -14.39
C LEU B 53 13.87 7.59 -15.02
N GLU B 54 13.71 7.49 -16.32
CA GLU B 54 12.81 8.41 -17.03
C GLU B 54 11.36 8.20 -16.57
N GLN B 55 11.08 7.01 -16.07
CA GLN B 55 9.78 6.66 -15.55
C GLN B 55 9.59 7.34 -14.14
N LEU B 56 10.59 7.19 -13.31
CA LEU B 56 10.61 7.80 -12.02
C LEU B 56 10.51 9.32 -12.06
N GLN B 57 11.13 9.90 -13.10
CA GLN B 57 11.10 11.34 -13.33
C GLN B 57 9.75 11.91 -13.70
N THR B 58 8.79 11.09 -14.07
CA THR B 58 7.45 11.61 -14.30
C THR B 58 6.79 12.02 -12.99
N LEU B 59 7.25 11.47 -11.86
CA LEU B 59 6.69 11.83 -10.55
C LEU B 59 6.91 13.30 -10.23
N THR B 60 8.04 13.84 -10.70
CA THR B 60 8.43 15.22 -10.42
C THR B 60 8.05 16.17 -11.55
N THR B 61 7.48 15.65 -12.63
CA THR B 61 7.01 16.46 -13.75
C THR B 61 5.54 16.32 -14.04
N THR B 62 5.17 15.40 -14.93
CA THR B 62 3.82 15.39 -15.44
C THR B 62 2.85 14.86 -14.40
N ALA B 63 3.35 14.08 -13.42
CA ALA B 63 2.50 13.59 -12.32
C ALA B 63 2.59 14.40 -11.01
N ALA B 64 3.49 15.38 -10.92
CA ALA B 64 3.74 16.08 -9.66
C ALA B 64 2.49 16.70 -9.04
N ALA B 65 1.63 17.28 -9.86
CA ALA B 65 0.44 17.95 -9.36
C ALA B 65 -0.61 17.02 -8.82
N LEU B 66 -0.52 15.72 -9.15
CA LEU B 66 -1.43 14.72 -8.60
C LEU B 66 -1.14 14.43 -7.12
N PHE B 67 0.12 14.48 -6.75
CA PHE B 67 0.48 14.14 -5.38
C PHE B 67 -0.24 15.06 -4.41
N GLY B 68 -0.68 14.46 -3.31
CA GLY B 68 -1.27 15.24 -2.27
C GLY B 68 -2.65 15.77 -2.58
N THR B 69 -3.32 15.19 -3.57
CA THR B 69 -4.67 15.55 -3.93
C THR B 69 -5.59 14.35 -3.79
N SER B 70 -6.88 14.65 -3.73
CA SER B 70 -7.86 13.64 -3.32
C SER B 70 -8.10 12.52 -4.32
N HIS B 71 -8.09 11.28 -3.82
CA HIS B 71 -8.46 10.12 -4.60
C HIS B 71 -9.96 10.03 -4.88
N ARG B 72 -10.73 10.96 -4.32
CA ARG B 72 -12.17 11.07 -4.58
C ARG B 72 -12.49 12.23 -5.52
N GLN B 73 -11.47 12.82 -6.12
CA GLN B 73 -11.65 13.90 -7.10
C GLN B 73 -11.06 13.48 -8.45
N ALA B 74 -11.42 14.23 -9.49
CA ALA B 74 -11.13 13.82 -10.85
C ALA B 74 -9.68 13.55 -11.17
N PRO B 75 -8.74 14.41 -10.72
CA PRO B 75 -7.38 14.16 -11.21
C PRO B 75 -6.81 12.78 -10.86
N VAL B 76 -6.99 12.34 -9.62
CA VAL B 76 -6.49 11.02 -9.23
C VAL B 76 -7.42 9.93 -9.77
N LYS B 77 -8.74 10.16 -9.78
CA LYS B 77 -9.64 9.17 -10.47
C LYS B 77 -9.27 8.97 -11.92
N ASN B 78 -8.89 10.03 -12.61
CA ASN B 78 -8.50 9.89 -14.00
CA ASN B 78 -8.47 9.92 -14.01
C ASN B 78 -7.21 9.09 -14.15
N LEU B 79 -6.29 9.22 -13.18
CA LEU B 79 -5.09 8.39 -13.14
C LEU B 79 -5.45 6.90 -12.99
N VAL B 80 -6.36 6.59 -12.09
CA VAL B 80 -6.82 5.21 -11.96
C VAL B 80 -7.46 4.72 -13.27
N GLY B 81 -8.25 5.60 -13.90
CA GLY B 81 -8.84 5.31 -15.20
C GLY B 81 -7.79 5.01 -16.22
N ARG B 82 -6.68 5.74 -16.20
CA ARG B 82 -5.61 5.47 -17.18
C ARG B 82 -4.99 4.08 -16.95
N VAL B 83 -4.83 3.69 -15.69
CA VAL B 83 -4.31 2.39 -15.36
C VAL B 83 -5.27 1.32 -15.84
N ARG B 84 -6.57 1.47 -15.55
CA ARG B 84 -7.54 0.46 -15.93
C ARG B 84 -7.66 0.29 -17.46
N SER B 85 -7.75 1.41 -18.18
CA SER B 85 -7.88 1.35 -19.63
CA SER B 85 -7.87 1.39 -19.64
CA SER B 85 -7.85 1.39 -19.64
C SER B 85 -6.60 0.86 -20.29
N GLY B 86 -5.45 1.24 -19.72
CA GLY B 86 -4.16 0.81 -20.22
C GLY B 86 -3.98 -0.70 -20.06
N LEU B 87 -4.34 -1.22 -18.90
CA LEU B 87 -4.29 -2.66 -18.70
C LEU B 87 -5.27 -3.39 -19.61
N ALA B 88 -6.44 -2.81 -19.84
CA ALA B 88 -7.43 -3.46 -20.72
C ALA B 88 -6.87 -3.59 -22.14
N GLU B 89 -6.16 -2.57 -22.60
CA GLU B 89 -5.49 -2.58 -23.90
CA GLU B 89 -5.52 -2.61 -23.91
C GLU B 89 -4.33 -3.57 -23.89
N LEU B 90 -3.45 -3.44 -22.92
CA LEU B 90 -2.25 -4.29 -22.88
C LEU B 90 -2.60 -5.77 -22.90
N PHE B 91 -3.64 -6.13 -22.14
CA PHE B 91 -4.07 -7.52 -22.01
C PHE B 91 -5.24 -7.95 -22.91
N SER B 92 -5.61 -7.09 -23.84
CA SER B 92 -6.61 -7.47 -24.84
C SER B 92 -7.85 -8.07 -24.19
N LEU B 93 -8.39 -7.37 -23.21
CA LEU B 93 -9.47 -7.91 -22.39
C LEU B 93 -10.68 -8.22 -23.25
N PRO B 94 -11.22 -9.45 -23.14
CA PRO B 94 -12.51 -9.72 -23.77
C PRO B 94 -13.66 -8.89 -23.22
N ASP B 95 -14.76 -8.83 -23.98
CA ASP B 95 -15.96 -8.18 -23.51
C ASP B 95 -16.35 -8.63 -22.10
N GLY B 96 -16.66 -7.66 -21.24
CA GLY B 96 -17.16 -7.96 -19.91
C GLY B 96 -16.08 -8.16 -18.87
N TYR B 97 -14.82 -8.31 -19.27
CA TYR B 97 -13.75 -8.39 -18.27
C TYR B 97 -13.50 -6.99 -17.70
N GLU B 98 -13.12 -6.97 -16.41
CA GLU B 98 -12.88 -5.70 -15.72
C GLU B 98 -11.59 -5.75 -14.94
N VAL B 99 -10.95 -4.58 -14.85
CA VAL B 99 -9.77 -4.40 -14.02
C VAL B 99 -10.21 -3.94 -12.65
N ILE B 100 -9.95 -4.78 -11.67
CA ILE B 100 -10.29 -4.51 -10.26
C ILE B 100 -8.99 -4.24 -9.50
N LEU B 101 -9.06 -3.32 -8.54
CA LEU B 101 -7.89 -2.98 -7.75
C LEU B 101 -8.20 -2.64 -6.33
N GLY B 102 -7.17 -2.76 -5.47
CA GLY B 102 -7.31 -2.41 -4.08
C GLY B 102 -5.97 -2.41 -3.41
N ASN B 103 -5.88 -1.75 -2.26
CA ASN B 103 -4.62 -1.75 -1.53
C ASN B 103 -4.26 -3.12 -1.01
N GLY B 104 -2.97 -3.37 -0.90
CA GLY B 104 -2.43 -4.43 -0.07
C GLY B 104 -1.41 -5.29 -0.72
N GLY B 105 -1.35 -5.32 -2.03
CA GLY B 105 -0.46 -6.22 -2.73
C GLY B 105 -1.06 -7.59 -2.91
N ALA B 106 -0.35 -8.47 -3.59
CA ALA B 106 -0.90 -9.77 -3.95
C ALA B 106 -1.24 -10.60 -2.72
N THR B 107 -0.43 -10.48 -1.67
CA THR B 107 -0.67 -11.25 -0.45
C THR B 107 -2.06 -10.93 0.14
N ALA B 108 -2.45 -9.67 0.10
CA ALA B 108 -3.82 -9.28 0.49
C ALA B 108 -4.86 -9.93 -0.40
N PHE B 109 -4.62 -9.95 -1.68
CA PHE B 109 -5.54 -10.57 -2.62
C PHE B 109 -5.82 -12.04 -2.29
N TRP B 110 -4.81 -12.80 -1.88
CA TRP B 110 -5.04 -14.20 -1.49
C TRP B 110 -6.15 -14.32 -0.47
N ASP B 111 -6.04 -13.51 0.60
CA ASP B 111 -7.08 -13.55 1.65
C ASP B 111 -8.42 -13.03 1.13
N ALA B 112 -8.40 -11.97 0.35
CA ALA B 112 -9.64 -11.50 -0.25
C ALA B 112 -10.31 -12.57 -1.12
N ALA B 113 -9.52 -13.29 -1.89
CA ALA B 113 -10.02 -14.34 -2.76
C ALA B 113 -10.56 -15.53 -1.99
N ALA B 114 -9.89 -15.88 -0.90
CA ALA B 114 -10.37 -16.98 -0.08
C ALA B 114 -11.78 -16.66 0.43
N PHE B 115 -12.00 -15.42 0.85
CA PHE B 115 -13.34 -15.01 1.32
C PHE B 115 -14.33 -14.80 0.20
N GLY B 116 -13.85 -14.28 -0.94
CA GLY B 116 -14.74 -13.72 -1.97
C GLY B 116 -14.91 -14.40 -3.30
N LEU B 117 -14.02 -15.33 -3.63
CA LEU B 117 -14.09 -16.05 -4.91
C LEU B 117 -14.38 -17.53 -4.76
N ILE B 118 -13.96 -18.11 -3.65
CA ILE B 118 -14.19 -19.52 -3.38
C ILE B 118 -15.53 -19.74 -2.73
N ASP B 119 -16.36 -20.56 -3.33
CA ASP B 119 -17.69 -20.84 -2.81
C ASP B 119 -17.57 -21.91 -1.74
N LYS B 120 -17.23 -23.12 -2.15
CA LYS B 120 -17.13 -24.26 -1.22
C LYS B 120 -15.71 -24.78 -1.11
N ARG B 121 -15.03 -24.94 -2.24
CA ARG B 121 -13.74 -25.61 -2.25
C ARG B 121 -12.91 -25.24 -3.47
N SER B 122 -11.58 -25.21 -3.28
CA SER B 122 -10.64 -24.92 -4.35
C SER B 122 -9.63 -26.08 -4.54
N LEU B 123 -9.06 -26.12 -5.74
CA LEU B 123 -7.91 -26.96 -6.02
C LEU B 123 -6.71 -26.05 -6.28
N HIS B 124 -5.58 -26.31 -5.64
CA HIS B 124 -4.38 -25.54 -5.83
C HIS B 124 -3.26 -26.40 -6.36
N LEU B 125 -2.52 -25.90 -7.32
CA LEU B 125 -1.20 -26.45 -7.64
C LEU B 125 -0.18 -25.72 -6.78
N THR B 126 0.78 -26.47 -6.23
CA THR B 126 1.84 -25.86 -5.44
C THR B 126 3.22 -26.41 -5.83
N TYR B 127 4.17 -25.49 -6.01
CA TYR B 127 5.50 -25.86 -6.50
C TYR B 127 6.54 -24.81 -6.13
N GLY B 128 6.28 -24.05 -5.07
CA GLY B 128 7.21 -23.05 -4.61
C GLY B 128 6.53 -22.19 -3.57
N GLU B 129 7.24 -21.16 -3.11
CA GLU B 129 6.78 -20.32 -2.03
C GLU B 129 5.38 -19.77 -2.26
N PHE B 130 5.13 -19.17 -3.42
CA PHE B 130 3.94 -18.33 -3.56
C PHE B 130 2.69 -19.11 -3.88
N SER B 131 2.86 -20.10 -4.74
CA SER B 131 1.79 -21.03 -5.00
C SER B 131 1.37 -21.77 -3.71
N ALA B 132 2.35 -22.17 -2.91
CA ALA B 132 2.08 -22.88 -1.65
C ALA B 132 1.41 -21.96 -0.65
N LYS B 133 1.81 -20.70 -0.61
CA LYS B 133 1.32 -19.79 0.43
C LYS B 133 -0.19 -19.50 0.22
N PHE B 134 -0.62 -19.37 -1.03
CA PHE B 134 -2.05 -19.13 -1.29
C PHE B 134 -2.84 -20.36 -0.80
N ALA B 135 -2.35 -21.54 -1.15
CA ALA B 135 -3.02 -22.77 -0.72
C ALA B 135 -3.15 -22.85 0.80
N SER B 136 -2.08 -22.47 1.49
CA SER B 136 -2.04 -22.47 2.95
CA SER B 136 -2.06 -22.47 2.96
C SER B 136 -3.06 -21.48 3.53
N ALA B 137 -3.12 -20.29 2.92
CA ALA B 137 -4.10 -19.29 3.35
C ALA B 137 -5.53 -19.83 3.27
N VAL B 138 -5.84 -20.51 2.16
CA VAL B 138 -7.16 -21.08 1.95
C VAL B 138 -7.40 -22.21 2.92
N SER B 139 -6.41 -23.06 3.13
CA SER B 139 -6.57 -24.18 4.06
CA SER B 139 -6.56 -24.18 4.05
C SER B 139 -7.00 -23.71 5.44
N LYS B 140 -6.41 -22.61 5.90
CA LYS B 140 -6.69 -22.12 7.26
C LYS B 140 -7.96 -21.31 7.37
N ASN B 141 -8.48 -20.83 6.25
CA ASN B 141 -9.61 -19.91 6.28
C ASN B 141 -10.90 -20.67 6.63
N PRO B 142 -11.55 -20.33 7.74
CA PRO B 142 -12.71 -21.10 8.22
C PRO B 142 -14.05 -20.80 7.56
N PHE B 143 -14.04 -20.08 6.45
CA PHE B 143 -15.23 -19.70 5.70
C PHE B 143 -15.40 -20.56 4.43
N VAL B 144 -14.40 -21.39 4.15
CA VAL B 144 -14.41 -22.29 2.97
C VAL B 144 -13.90 -23.66 3.36
N GLY B 145 -14.08 -24.60 2.44
CA GLY B 145 -13.65 -25.98 2.65
C GLY B 145 -12.16 -26.23 2.54
N GLU B 146 -11.76 -27.48 2.77
CA GLU B 146 -10.34 -27.86 2.77
C GLU B 146 -9.93 -28.03 1.31
N PRO B 147 -8.92 -27.27 0.87
CA PRO B 147 -8.55 -27.36 -0.53
C PRO B 147 -7.92 -28.68 -0.93
N ILE B 148 -8.04 -28.99 -2.22
CA ILE B 148 -7.27 -30.08 -2.81
C ILE B 148 -5.94 -29.47 -3.25
N ILE B 149 -4.84 -30.11 -2.85
CA ILE B 149 -3.52 -29.58 -3.13
C ILE B 149 -2.73 -30.60 -3.92
N ILE B 150 -2.29 -30.20 -5.11
CA ILE B 150 -1.47 -31.03 -5.99
C ILE B 150 -0.10 -30.39 -6.01
N THR B 151 0.93 -31.12 -5.63
CA THR B 151 2.27 -30.57 -5.42
CA THR B 151 2.24 -30.52 -5.47
C THR B 151 3.28 -31.15 -6.40
N SER B 152 4.31 -30.39 -6.72
CA SER B 152 5.50 -30.90 -7.37
C SER B 152 6.74 -30.38 -6.63
N ASP B 153 7.88 -30.99 -6.91
CA ASP B 153 9.13 -30.49 -6.34
C ASP B 153 9.41 -29.10 -6.89
N PRO B 154 10.12 -28.26 -6.11
CA PRO B 154 10.54 -26.98 -6.61
C PRO B 154 11.43 -27.19 -7.82
N GLY B 155 11.25 -26.34 -8.83
CA GLY B 155 11.96 -26.47 -10.10
C GLY B 155 11.11 -27.15 -11.14
N SER B 156 9.96 -27.67 -10.70
CA SER B 156 9.00 -28.32 -11.61
C SER B 156 7.60 -27.71 -11.40
N ALA B 157 6.58 -28.29 -12.02
CA ALA B 157 5.22 -27.91 -11.75
C ALA B 157 4.30 -29.04 -12.14
N PRO B 158 3.16 -29.16 -11.44
CA PRO B 158 2.17 -30.11 -11.95
C PRO B 158 1.47 -29.51 -13.15
N GLU B 159 0.70 -30.32 -13.87
CA GLU B 159 -0.09 -29.78 -14.99
C GLU B 159 -1.35 -29.12 -14.48
N PRO B 160 -1.72 -27.98 -15.10
CA PRO B 160 -3.06 -27.43 -14.84
C PRO B 160 -4.10 -28.53 -14.98
N GLN B 161 -5.00 -28.60 -14.01
CA GLN B 161 -5.96 -29.69 -13.93
C GLN B 161 -7.14 -29.30 -13.03
N THR B 162 -8.14 -30.16 -12.98
CA THR B 162 -9.36 -29.87 -12.22
C THR B 162 -9.84 -31.08 -11.44
N ASP B 163 -10.98 -30.90 -10.78
CA ASP B 163 -11.61 -31.90 -9.90
C ASP B 163 -13.09 -31.57 -9.79
N PRO B 164 -13.97 -32.57 -9.86
CA PRO B 164 -15.41 -32.31 -9.70
C PRO B 164 -15.93 -31.62 -8.43
N SER B 165 -15.20 -31.70 -7.31
CA SER B 165 -15.68 -31.11 -6.09
C SER B 165 -15.26 -29.63 -5.85
N VAL B 166 -14.54 -29.02 -6.79
CA VAL B 166 -14.05 -27.67 -6.56
C VAL B 166 -14.69 -26.68 -7.50
N ASP B 167 -14.73 -25.43 -7.07
CA ASP B 167 -15.31 -24.34 -7.84
C ASP B 167 -14.30 -23.25 -8.21
N VAL B 168 -13.05 -23.46 -7.80
CA VAL B 168 -11.91 -22.59 -8.12
C VAL B 168 -10.71 -23.50 -8.34
N ILE B 169 -9.95 -23.21 -9.39
CA ILE B 169 -8.69 -23.90 -9.64
C ILE B 169 -7.62 -22.81 -9.69
N ALA B 170 -6.55 -22.97 -8.92
CA ALA B 170 -5.58 -21.93 -8.72
C ALA B 170 -4.16 -22.39 -8.93
N TRP B 171 -3.40 -21.60 -9.68
CA TRP B 171 -1.94 -21.75 -9.77
C TRP B 171 -1.26 -20.41 -10.11
N ALA B 172 0.07 -20.42 -10.10
CA ALA B 172 0.89 -19.25 -10.39
C ALA B 172 1.40 -19.25 -11.81
N HIS B 173 1.16 -18.19 -12.54
CA HIS B 173 1.72 -18.08 -13.87
C HIS B 173 3.25 -18.24 -13.82
N ASN B 174 3.87 -17.59 -12.83
CA ASN B 174 5.32 -17.60 -12.61
C ASN B 174 5.58 -17.74 -11.12
N GLU B 175 6.30 -18.80 -10.75
CA GLU B 175 6.67 -19.05 -9.34
C GLU B 175 8.00 -18.37 -9.14
N THR B 176 7.97 -17.21 -8.52
CA THR B 176 9.07 -16.35 -8.43
C THR B 176 10.21 -16.98 -7.62
N SER B 177 9.88 -17.88 -6.71
CA SER B 177 10.91 -18.51 -5.88
C SER B 177 11.76 -19.53 -6.61
N THR B 178 11.25 -20.10 -7.71
CA THR B 178 11.91 -21.21 -8.42
C THR B 178 12.24 -20.93 -9.87
N GLY B 179 11.72 -19.85 -10.45
CA GLY B 179 11.97 -19.56 -11.86
C GLY B 179 11.22 -20.45 -12.81
N VAL B 180 10.04 -20.91 -12.37
CA VAL B 180 9.19 -21.80 -13.18
C VAL B 180 7.97 -21.01 -13.67
N ALA B 181 7.73 -21.06 -14.98
CA ALA B 181 6.51 -20.51 -15.60
C ALA B 181 5.65 -21.64 -16.13
N VAL B 182 4.34 -21.55 -15.89
CA VAL B 182 3.33 -22.61 -16.16
C VAL B 182 2.37 -22.02 -17.19
N ALA B 183 1.92 -22.85 -18.10
CA ALA B 183 0.86 -22.48 -19.03
C ALA B 183 -0.39 -21.97 -18.33
N VAL B 184 -1.07 -21.04 -18.99
CA VAL B 184 -2.33 -20.50 -18.51
C VAL B 184 -3.42 -20.90 -19.51
N ARG B 185 -4.02 -22.04 -19.22
CA ARG B 185 -5.09 -22.58 -20.03
C ARG B 185 -6.17 -23.13 -19.14
N ARG B 186 -7.40 -22.98 -19.57
CA ARG B 186 -8.54 -23.44 -18.82
C ARG B 186 -8.59 -24.96 -18.99
N PRO B 187 -8.42 -25.72 -17.90
CA PRO B 187 -8.40 -27.17 -18.13
C PRO B 187 -9.70 -27.73 -18.69
N GLU B 188 -9.58 -28.76 -19.52
CA GLU B 188 -10.77 -29.49 -19.95
C GLU B 188 -11.53 -30.03 -18.77
N GLY B 189 -12.85 -29.91 -18.86
CA GLY B 189 -13.73 -30.37 -17.81
C GLY B 189 -13.86 -29.44 -16.64
N SER B 190 -13.28 -28.24 -16.73
CA SER B 190 -13.29 -27.32 -15.57
C SER B 190 -14.55 -26.48 -15.51
N ASP B 191 -15.50 -26.77 -16.38
CA ASP B 191 -16.60 -25.86 -16.62
C ASP B 191 -17.31 -25.44 -15.34
N ALA B 193 -15.76 -24.28 -12.68
CA ALA B 193 -14.69 -23.74 -11.81
C ALA B 193 -14.05 -22.48 -12.37
N LEU B 194 -13.76 -21.52 -11.50
CA LEU B 194 -13.04 -20.32 -11.91
C LEU B 194 -11.55 -20.55 -11.94
N VAL B 195 -10.87 -20.04 -12.96
CA VAL B 195 -9.44 -20.18 -13.11
C VAL B 195 -8.79 -18.94 -12.49
N VAL B 196 -8.05 -19.14 -11.39
CA VAL B 196 -7.55 -18.05 -10.58
C VAL B 196 -6.04 -18.12 -10.56
N ILE B 197 -5.42 -17.15 -11.22
CA ILE B 197 -4.00 -17.23 -11.56
C ILE B 197 -3.20 -16.11 -10.87
N ASP B 198 -2.24 -16.54 -10.07
CA ASP B 198 -1.28 -15.63 -9.45
C ASP B 198 -0.25 -15.26 -10.49
N ALA B 199 -0.48 -14.09 -11.09
CA ALA B 199 0.44 -13.58 -12.13
C ALA B 199 1.35 -12.48 -11.59
N THR B 200 1.58 -12.46 -10.26
CA THR B 200 2.33 -11.38 -9.68
C THR B 200 3.65 -11.07 -10.38
N SER B 201 4.42 -12.13 -10.68
CA SER B 201 5.69 -11.95 -11.40
C SER B 201 5.65 -12.32 -12.86
N GLY B 202 4.49 -12.75 -13.35
CA GLY B 202 4.31 -13.07 -14.77
C GLY B 202 3.63 -12.00 -15.61
N ALA B 203 2.65 -11.32 -15.02
CA ALA B 203 1.78 -10.41 -15.74
C ALA B 203 2.62 -9.29 -16.36
N GLY B 204 2.57 -9.16 -17.67
CA GLY B 204 3.27 -8.07 -18.38
C GLY B 204 4.58 -8.52 -19.03
N GLY B 205 5.06 -9.72 -18.72
CA GLY B 205 6.32 -10.21 -19.26
C GLY B 205 6.24 -11.57 -19.92
N LEU B 206 5.10 -12.25 -19.74
CA LEU B 206 4.82 -13.57 -20.31
C LEU B 206 3.53 -13.51 -21.11
N PRO B 207 3.40 -14.38 -22.11
CA PRO B 207 2.16 -14.33 -22.88
C PRO B 207 0.97 -14.85 -22.07
N VAL B 208 -0.23 -14.35 -22.39
CA VAL B 208 -1.43 -14.87 -21.80
C VAL B 208 -2.62 -14.57 -22.67
N ASP B 209 -3.53 -15.53 -22.75
CA ASP B 209 -4.84 -15.34 -23.33
C ASP B 209 -5.77 -15.19 -22.15
N ILE B 210 -6.17 -13.95 -21.89
CA ILE B 210 -7.01 -13.64 -20.73
C ILE B 210 -8.33 -14.39 -20.70
N ALA B 211 -8.84 -14.78 -21.87
CA ALA B 211 -10.11 -15.52 -21.89
C ALA B 211 -10.00 -16.87 -21.20
N GLU B 212 -8.78 -17.38 -21.03
CA GLU B 212 -8.55 -18.67 -20.37
C GLU B 212 -8.63 -18.52 -18.85
N THR B 213 -8.78 -17.29 -18.37
CA THR B 213 -8.75 -16.99 -16.95
C THR B 213 -10.04 -16.35 -16.44
N ASP B 214 -10.24 -16.43 -15.13
CA ASP B 214 -11.33 -15.71 -14.45
C ASP B 214 -10.88 -14.65 -13.47
N ALA B 215 -9.72 -14.86 -12.84
CA ALA B 215 -9.03 -13.85 -12.07
C ALA B 215 -7.55 -13.97 -12.34
N TYR B 216 -6.96 -12.95 -12.96
CA TYR B 216 -5.54 -12.92 -13.29
C TYR B 216 -5.00 -11.73 -12.51
N TYR B 217 -4.28 -12.02 -11.42
CA TYR B 217 -3.99 -10.98 -10.43
C TYR B 217 -2.51 -10.80 -10.28
N PHE B 218 -2.14 -9.60 -9.84
CA PHE B 218 -0.74 -9.23 -9.73
C PHE B 218 -0.57 -7.99 -8.87
N ALA B 219 0.67 -7.55 -8.75
CA ALA B 219 1.01 -6.34 -8.01
C ALA B 219 2.01 -5.63 -8.91
N PRO B 220 2.29 -4.35 -8.67
CA PRO B 220 3.00 -3.54 -9.65
C PRO B 220 4.52 -3.64 -9.69
N GLN B 221 5.15 -4.37 -8.77
CA GLN B 221 6.59 -4.20 -8.53
C GLN B 221 7.48 -5.17 -9.29
N LYS B 222 6.92 -5.92 -10.24
CA LYS B 222 7.69 -6.83 -11.09
C LYS B 222 7.69 -6.30 -12.52
N ASN B 223 7.00 -6.94 -13.45
CA ASN B 223 7.04 -6.47 -14.83
C ASN B 223 6.56 -5.04 -14.98
N PHE B 224 5.72 -4.56 -14.07
CA PHE B 224 5.22 -3.18 -14.15
C PHE B 224 6.08 -2.10 -13.56
N ALA B 225 7.20 -2.50 -13.00
CA ALA B 225 8.27 -1.55 -12.66
C ALA B 225 7.78 -0.44 -11.74
N SER B 226 6.92 -0.80 -10.79
CA SER B 226 6.39 0.16 -9.85
C SER B 226 6.57 -0.38 -8.43
N ASP B 227 5.79 0.11 -7.48
CA ASP B 227 5.95 -0.26 -6.09
C ASP B 227 4.90 -1.26 -5.64
N GLY B 228 5.20 -1.95 -4.56
CA GLY B 228 4.24 -2.82 -3.93
C GLY B 228 3.17 -2.02 -3.20
N GLY B 229 2.18 -2.74 -2.65
CA GLY B 229 1.11 -2.18 -1.82
C GLY B 229 -0.20 -1.95 -2.52
N LEU B 230 -0.29 -2.41 -3.76
CA LEU B 230 -1.53 -2.38 -4.54
C LEU B 230 -1.66 -3.73 -5.21
N TRP B 231 -2.86 -4.29 -5.23
CA TRP B 231 -3.13 -5.45 -6.05
C TRP B 231 -4.05 -5.02 -7.22
N LEU B 232 -3.89 -5.76 -8.32
CA LEU B 232 -4.75 -5.61 -9.50
C LEU B 232 -5.23 -6.99 -9.88
N ALA B 233 -6.46 -7.09 -10.32
CA ALA B 233 -7.02 -8.37 -10.74
C ALA B 233 -7.92 -8.13 -11.93
N ILE B 234 -7.55 -8.75 -13.03
CA ILE B 234 -8.38 -8.81 -14.22
C ILE B 234 -9.38 -9.92 -13.97
N MET B 235 -10.67 -9.56 -14.03
CA MET B 235 -11.74 -10.49 -13.68
CA MET B 235 -11.77 -10.45 -13.65
C MET B 235 -12.74 -10.69 -14.81
N SER B 236 -13.15 -11.95 -15.00
CA SER B 236 -14.12 -12.33 -16.03
C SER B 236 -15.53 -12.05 -15.54
N PRO B 237 -16.50 -11.99 -16.47
CA PRO B 237 -17.90 -11.92 -16.01
C PRO B 237 -18.26 -13.03 -15.00
N ALA B 238 -17.74 -14.23 -15.20
CA ALA B 238 -18.06 -15.32 -14.29
C ALA B 238 -17.54 -15.02 -12.89
N ALA B 239 -16.30 -14.51 -12.81
CA ALA B 239 -15.74 -14.16 -11.52
C ALA B 239 -16.51 -13.03 -10.85
N LEU B 240 -16.89 -12.02 -11.61
CA LEU B 240 -17.62 -10.89 -11.03
C LEU B 240 -19.00 -11.37 -10.50
N SER B 241 -19.66 -12.24 -11.27
CA SER B 241 -20.94 -12.78 -10.82
CA SER B 241 -20.95 -12.79 -10.84
C SER B 241 -20.79 -13.66 -9.59
N ARG B 242 -19.67 -14.40 -9.51
CA ARG B 242 -19.37 -15.22 -8.34
C ARG B 242 -19.18 -14.35 -7.10
N ILE B 243 -18.44 -13.26 -7.24
CA ILE B 243 -18.21 -12.36 -6.10
C ILE B 243 -19.54 -11.88 -5.57
N GLU B 244 -20.41 -11.48 -6.48
CA GLU B 244 -21.73 -10.98 -6.15
C GLU B 244 -22.58 -12.06 -5.47
N ALA B 245 -22.55 -13.28 -6.02
CA ALA B 245 -23.30 -14.42 -5.45
C ALA B 245 -22.84 -14.77 -4.06
N ILE B 246 -21.53 -14.81 -3.87
CA ILE B 246 -21.01 -15.07 -2.53
C ILE B 246 -21.44 -13.98 -1.56
N ALA B 247 -21.37 -12.72 -1.97
CA ALA B 247 -21.80 -11.64 -1.10
C ALA B 247 -23.28 -11.80 -0.74
N ALA B 248 -24.08 -12.23 -1.71
CA ALA B 248 -25.53 -12.34 -1.48
C ALA B 248 -25.90 -13.47 -0.53
N THR B 249 -24.95 -14.35 -0.20
CA THR B 249 -25.20 -15.34 0.85
C THR B 249 -25.14 -14.76 2.25
N GLY B 250 -24.63 -13.54 2.38
CA GLY B 250 -24.42 -12.94 3.71
C GLY B 250 -23.09 -13.27 4.32
N ARG B 251 -22.22 -14.00 3.61
CA ARG B 251 -20.91 -14.35 4.16
C ARG B 251 -20.20 -13.07 4.61
N TRP B 252 -19.70 -13.08 5.83
CA TRP B 252 -18.92 -11.96 6.32
C TRP B 252 -17.53 -11.95 5.69
N VAL B 253 -17.04 -10.74 5.45
CA VAL B 253 -15.65 -10.52 5.05
C VAL B 253 -15.24 -9.20 5.70
N PRO B 254 -14.03 -9.14 6.23
CA PRO B 254 -13.58 -7.82 6.69
C PRO B 254 -13.60 -6.83 5.54
N ASP B 255 -14.01 -5.59 5.79
CA ASP B 255 -14.18 -4.65 4.68
C ASP B 255 -12.90 -4.45 3.87
N PHE B 256 -11.76 -4.45 4.54
CA PHE B 256 -10.51 -4.24 3.80
C PHE B 256 -10.23 -5.31 2.75
N LEU B 257 -10.71 -6.53 3.00
CA LEU B 257 -10.47 -7.69 2.11
C LEU B 257 -11.71 -8.03 1.25
N SER B 258 -12.66 -7.10 1.19
CA SER B 258 -13.92 -7.32 0.49
C SER B 258 -13.75 -7.11 -1.00
N LEU B 259 -13.90 -8.20 -1.75
CA LEU B 259 -13.94 -8.05 -3.19
C LEU B 259 -15.21 -7.35 -3.70
N PRO B 260 -16.37 -7.57 -3.07
CA PRO B 260 -17.52 -6.76 -3.50
C PRO B 260 -17.24 -5.25 -3.42
N ILE B 261 -16.64 -4.82 -2.29
CA ILE B 261 -16.35 -3.41 -2.12
C ILE B 261 -15.27 -2.95 -3.13
N ALA B 262 -14.26 -3.78 -3.36
CA ALA B 262 -13.21 -3.40 -4.30
C ALA B 262 -13.80 -3.26 -5.70
N VAL B 263 -14.72 -4.16 -6.06
CA VAL B 263 -15.33 -4.09 -7.39
C VAL B 263 -16.17 -2.81 -7.54
N GLU B 264 -16.97 -2.51 -6.52
CA GLU B 264 -17.84 -1.35 -6.53
C GLU B 264 -17.04 -0.08 -6.76
N ASN B 265 -15.90 0.03 -6.07
CA ASN B 265 -15.04 1.20 -6.19
C ASN B 265 -14.29 1.21 -7.51
N SER B 266 -13.79 0.05 -7.93
CA SER B 266 -12.95 -0.03 -9.11
C SER B 266 -13.69 0.43 -10.36
N LEU B 267 -14.96 0.04 -10.44
CA LEU B 267 -15.80 0.41 -11.57
C LEU B 267 -16.01 1.90 -11.67
N LYS B 268 -15.76 2.63 -10.59
CA LYS B 268 -15.80 4.09 -10.62
C LYS B 268 -14.44 4.76 -10.40
N ASN B 269 -13.40 4.04 -10.84
CA ASN B 269 -12.01 4.57 -10.81
C ASN B 269 -11.53 4.94 -9.41
N GLN B 270 -11.93 4.11 -8.46
CA GLN B 270 -11.55 4.28 -7.05
C GLN B 270 -11.16 2.98 -6.42
N THR B 271 -10.55 3.09 -5.26
CA THR B 271 -10.27 1.98 -4.35
C THR B 271 -11.02 2.24 -3.05
N TYR B 272 -11.15 1.19 -2.24
CA TYR B 272 -11.91 1.32 -1.02
C TYR B 272 -11.32 2.39 -0.11
N ASN B 273 -10.02 2.29 0.11
CA ASN B 273 -9.31 3.27 0.95
C ASN B 273 -8.25 3.98 0.14
N THR B 274 -7.38 4.75 0.79
CA THR B 274 -6.54 5.67 0.05
C THR B 274 -5.38 4.94 -0.60
N PRO B 275 -5.28 5.04 -1.94
CA PRO B 275 -4.16 4.40 -2.61
C PRO B 275 -2.98 5.32 -2.71
N ALA B 276 -1.81 4.76 -3.00
CA ALA B 276 -0.59 5.54 -3.20
C ALA B 276 -0.58 6.11 -4.59
N ILE B 277 -0.49 7.41 -4.69
CA ILE B 277 -0.40 8.08 -5.99
C ILE B 277 0.87 7.73 -6.71
N ALA B 278 2.01 7.64 -6.03
CA ALA B 278 3.23 7.24 -6.72
C ALA B 278 3.13 5.86 -7.37
N THR B 279 2.49 4.93 -6.68
CA THR B 279 2.41 3.56 -7.20
C THR B 279 1.60 3.57 -8.49
N LEU B 280 0.46 4.25 -8.46
CA LEU B 280 -0.40 4.39 -9.63
C LEU B 280 0.31 5.10 -10.78
N ALA B 281 1.02 6.17 -10.46
CA ALA B 281 1.69 6.98 -11.46
C ALA B 281 2.82 6.21 -12.15
N LEU B 282 3.65 5.50 -11.37
CA LEU B 282 4.70 4.70 -11.99
C LEU B 282 4.12 3.57 -12.85
N LEU B 283 3.03 2.97 -12.36
CA LEU B 283 2.35 1.90 -13.04
C LEU B 283 1.80 2.37 -14.37
N ALA B 284 1.10 3.49 -14.35
CA ALA B 284 0.55 4.05 -15.57
C ALA B 284 1.63 4.34 -16.61
N GLU B 285 2.75 4.90 -16.16
CA GLU B 285 3.84 5.21 -17.08
CA GLU B 285 3.83 5.19 -17.09
C GLU B 285 4.40 3.93 -17.70
N GLN B 286 4.56 2.89 -16.91
CA GLN B 286 5.09 1.64 -17.45
C GLN B 286 4.11 1.00 -18.47
N ILE B 287 2.83 1.03 -18.13
CA ILE B 287 1.82 0.49 -19.03
C ILE B 287 1.91 1.23 -20.36
N ASP B 288 1.96 2.55 -20.28
CA ASP B 288 2.03 3.34 -21.50
C ASP B 288 3.27 3.01 -22.33
N TRP B 289 4.39 2.82 -21.66
CA TRP B 289 5.65 2.44 -22.32
C TRP B 289 5.54 1.10 -23.02
N LEU B 290 5.00 0.09 -22.35
CA LEU B 290 4.80 -1.22 -22.93
C LEU B 290 3.88 -1.13 -24.14
N VAL B 291 2.73 -0.48 -23.98
CA VAL B 291 1.77 -0.34 -25.08
C VAL B 291 2.41 0.36 -26.27
N GLY B 292 3.12 1.46 -26.00
CA GLY B 292 3.74 2.26 -27.05
C GLY B 292 4.82 1.53 -27.81
N ASN B 293 5.48 0.58 -27.15
CA ASN B 293 6.52 -0.24 -27.79
C ASN B 293 5.98 -1.41 -28.59
N GLY B 294 4.67 -1.65 -28.54
CA GLY B 294 4.11 -2.82 -29.23
C GLY B 294 3.31 -3.77 -28.37
N GLY B 295 3.12 -3.43 -27.10
CA GLY B 295 2.24 -4.21 -26.24
C GLY B 295 2.86 -5.48 -25.68
N LEU B 296 2.01 -6.40 -25.31
CA LEU B 296 2.45 -7.60 -24.63
C LEU B 296 3.37 -8.39 -25.54
N ASP B 297 3.10 -8.40 -26.84
CA ASP B 297 3.94 -9.15 -27.75
C ASP B 297 5.38 -8.64 -27.72
N TRP B 298 5.56 -7.33 -27.63
CA TRP B 298 6.87 -6.73 -27.54
C TRP B 298 7.56 -7.13 -26.23
N ALA B 299 6.81 -7.06 -25.15
CA ALA B 299 7.34 -7.36 -23.80
C ALA B 299 7.82 -8.82 -23.78
N VAL B 300 7.05 -9.70 -24.39
CA VAL B 300 7.40 -11.12 -24.42
C VAL B 300 8.63 -11.38 -25.28
N LYS B 301 8.74 -10.68 -26.40
CA LYS B 301 9.96 -10.79 -27.22
C LYS B 301 11.19 -10.31 -26.45
N ARG B 302 11.03 -9.26 -25.66
CA ARG B 302 12.10 -8.69 -24.87
C ARG B 302 12.57 -9.65 -23.79
N THR B 303 11.62 -10.19 -23.03
CA THR B 303 12.01 -11.12 -21.99
C THR B 303 12.53 -12.42 -22.57
N ALA B 304 12.06 -12.83 -23.74
CA ALA B 304 12.67 -13.97 -24.43
C ALA B 304 14.13 -13.70 -24.77
N ASP B 305 14.44 -12.50 -25.25
CA ASP B 305 15.81 -12.12 -25.60
C ASP B 305 16.70 -12.18 -24.37
N SER B 306 16.26 -11.51 -23.31
CA SER B 306 17.03 -11.51 -22.08
C SER B 306 17.28 -12.93 -21.57
N SER B 307 16.21 -13.70 -21.48
CA SER B 307 16.31 -15.04 -20.88
C SER B 307 17.13 -16.01 -21.71
N GLN B 308 17.05 -15.89 -23.03
CA GLN B 308 17.89 -16.70 -23.91
CA GLN B 308 17.90 -16.70 -23.91
C GLN B 308 19.37 -16.45 -23.60
N ARG B 309 19.72 -15.19 -23.34
CA ARG B 309 21.12 -14.87 -23.04
C ARG B 309 21.53 -15.56 -21.74
N LEU B 310 20.65 -15.52 -20.76
CA LEU B 310 20.96 -16.11 -19.47
C LEU B 310 21.09 -17.62 -19.55
N TYR B 311 20.10 -18.29 -20.13
CA TYR B 311 20.06 -19.73 -20.11
C TYR B 311 21.16 -20.29 -21.01
N SER B 312 21.42 -19.66 -22.16
CA SER B 312 22.49 -20.15 -23.02
CA SER B 312 22.49 -20.10 -23.04
C SER B 312 23.83 -20.03 -22.33
N TRP B 313 24.09 -18.92 -21.63
CA TRP B 313 25.28 -18.77 -20.82
C TRP B 313 25.39 -19.88 -19.76
N ALA B 314 24.29 -20.11 -19.05
CA ALA B 314 24.29 -21.14 -18.01
C ALA B 314 24.58 -22.53 -18.55
N GLN B 315 24.11 -22.82 -19.75
CA GLN B 315 24.44 -24.08 -20.39
C GLN B 315 25.91 -24.16 -20.78
N GLU B 316 26.46 -23.04 -21.25
CA GLU B 316 27.82 -22.97 -21.77
C GLU B 316 28.87 -23.18 -20.69
N ARG B 317 28.65 -22.62 -19.50
CA ARG B 317 29.66 -22.68 -18.45
C ARG B 317 29.60 -24.02 -17.69
N PRO B 318 30.75 -24.62 -17.41
CA PRO B 318 30.72 -25.89 -16.69
C PRO B 318 30.39 -25.79 -15.19
N TYR B 319 30.38 -24.59 -14.63
N TYR B 319 30.37 -24.59 -14.63
CA TYR B 319 30.08 -24.44 -13.20
CA TYR B 319 30.09 -24.38 -13.21
C TYR B 319 28.62 -24.08 -12.94
C TYR B 319 28.65 -23.90 -12.95
N THR B 320 27.83 -23.88 -14.00
CA THR B 320 26.44 -23.48 -13.91
C THR B 320 25.54 -24.47 -14.60
N THR B 321 24.25 -24.43 -14.21
CA THR B 321 23.22 -25.12 -14.98
C THR B 321 21.86 -24.51 -14.61
N PRO B 322 20.89 -24.46 -15.54
CA PRO B 322 19.56 -24.02 -15.10
C PRO B 322 18.97 -24.93 -14.03
N PHE B 323 18.46 -24.36 -12.93
CA PHE B 323 17.76 -25.16 -11.91
C PHE B 323 16.57 -25.95 -12.48
N VAL B 324 15.85 -25.30 -13.39
CA VAL B 324 14.67 -25.87 -14.01
C VAL B 324 15.10 -26.73 -15.20
N THR B 325 14.93 -28.05 -15.07
CA THR B 325 15.48 -28.95 -16.10
C THR B 325 14.61 -29.06 -17.33
N ASP B 326 13.31 -28.82 -17.19
CA ASP B 326 12.41 -28.90 -18.34
C ASP B 326 12.44 -27.53 -19.01
N PRO B 327 12.96 -27.43 -20.24
CA PRO B 327 13.10 -26.10 -20.84
C PRO B 327 11.75 -25.41 -21.03
N GLY B 328 10.69 -26.18 -21.15
CA GLY B 328 9.35 -25.62 -21.31
C GLY B 328 8.82 -24.91 -20.08
N LEU B 329 9.42 -25.18 -18.93
CA LEU B 329 9.06 -24.54 -17.64
C LEU B 329 9.98 -23.39 -17.26
N ARG B 330 11.05 -23.20 -18.03
CA ARG B 330 12.03 -22.16 -17.71
C ARG B 330 11.46 -20.78 -17.95
N SER B 331 11.31 -20.02 -16.86
CA SER B 331 10.69 -18.72 -16.96
C SER B 331 11.49 -17.74 -17.78
N GLN B 332 10.81 -16.98 -18.64
CA GLN B 332 11.48 -15.87 -19.33
C GLN B 332 11.80 -14.68 -18.44
N VAL B 333 11.13 -14.56 -17.28
CA VAL B 333 11.27 -13.38 -16.45
C VAL B 333 12.09 -13.55 -15.17
N VAL B 334 12.18 -14.76 -14.61
CA VAL B 334 12.97 -15.00 -13.40
C VAL B 334 13.76 -16.28 -13.66
N GLY B 335 15.08 -16.16 -13.72
CA GLY B 335 15.94 -17.27 -14.11
C GLY B 335 16.73 -17.75 -12.92
N THR B 336 16.57 -19.02 -12.57
CA THR B 336 17.29 -19.61 -11.43
C THR B 336 18.44 -20.46 -11.97
N ILE B 337 19.64 -20.08 -11.59
CA ILE B 337 20.84 -20.72 -12.15
C ILE B 337 21.63 -21.36 -11.01
N ASP B 338 21.65 -22.69 -10.99
CA ASP B 338 22.43 -23.42 -10.00
C ASP B 338 23.92 -23.39 -10.34
N PHE B 339 24.72 -23.38 -9.28
CA PHE B 339 26.16 -23.46 -9.40
C PHE B 339 26.65 -24.79 -8.84
N VAL B 340 27.69 -25.33 -9.48
CA VAL B 340 28.35 -26.52 -8.99
CA VAL B 340 28.41 -26.51 -8.98
C VAL B 340 28.97 -26.28 -7.59
N ASP B 341 29.18 -27.35 -6.81
CA ASP B 341 29.68 -27.28 -5.42
C ASP B 341 30.90 -26.39 -5.24
N ASP B 342 31.82 -26.45 -6.18
CA ASP B 342 33.08 -25.80 -5.95
C ASP B 342 33.10 -24.35 -6.32
N VAL B 343 31.99 -23.85 -6.82
CA VAL B 343 31.81 -22.39 -7.00
C VAL B 343 30.68 -21.91 -6.11
N ASP B 344 31.03 -21.04 -5.15
CA ASP B 344 30.10 -20.55 -4.13
C ASP B 344 29.31 -19.38 -4.68
N ALA B 345 28.07 -19.64 -5.05
CA ALA B 345 27.21 -18.59 -5.60
C ALA B 345 26.92 -17.50 -4.58
N GLY B 346 27.00 -17.84 -3.28
CA GLY B 346 26.79 -16.85 -2.23
C GLY B 346 27.89 -15.82 -2.26
N THR B 347 29.11 -16.30 -2.44
CA THR B 347 30.26 -15.41 -2.57
C THR B 347 30.12 -14.57 -3.83
N VAL B 348 29.69 -15.18 -4.92
CA VAL B 348 29.50 -14.46 -6.18
C VAL B 348 28.49 -13.33 -5.96
N ALA B 349 27.35 -13.64 -5.35
CA ALA B 349 26.32 -12.62 -5.10
C ALA B 349 26.83 -11.47 -4.24
N LYS B 350 27.62 -11.79 -3.24
CA LYS B 350 28.21 -10.79 -2.34
C LYS B 350 29.15 -9.85 -3.10
N ILE B 351 29.99 -10.43 -3.95
CA ILE B 351 30.93 -9.62 -4.72
C ILE B 351 30.17 -8.78 -5.73
N LEU B 352 29.19 -9.36 -6.41
CA LEU B 352 28.35 -8.57 -7.31
C LEU B 352 27.74 -7.39 -6.56
N ARG B 353 27.12 -7.68 -5.42
CA ARG B 353 26.46 -6.63 -4.61
C ARG B 353 27.43 -5.51 -4.23
N ALA B 354 28.64 -5.87 -3.86
CA ALA B 354 29.64 -4.89 -3.42
C ALA B 354 30.07 -4.02 -4.61
N ASN B 355 29.80 -4.50 -5.81
CA ASN B 355 30.05 -3.80 -7.06
C ASN B 355 28.83 -3.18 -7.71
N GLY B 356 27.75 -3.07 -6.94
CA GLY B 356 26.54 -2.41 -7.41
C GLY B 356 25.60 -3.25 -8.23
N ILE B 357 25.82 -4.57 -8.25
CA ILE B 357 25.03 -5.48 -9.06
C ILE B 357 24.24 -6.29 -8.06
N VAL B 358 22.97 -5.93 -7.89
CA VAL B 358 22.22 -6.31 -6.69
C VAL B 358 21.03 -7.25 -6.93
N ASP B 359 20.70 -7.93 -5.84
CA ASP B 359 19.50 -8.74 -5.68
C ASP B 359 19.51 -9.97 -6.59
N THR B 360 20.70 -10.58 -6.73
CA THR B 360 20.83 -11.84 -7.45
C THR B 360 20.81 -13.03 -6.47
N GLU B 361 20.66 -12.76 -5.18
CA GLU B 361 20.56 -13.83 -4.18
C GLU B 361 19.33 -14.68 -4.49
N PRO B 362 19.41 -15.99 -4.21
CA PRO B 362 18.24 -16.80 -4.44
C PRO B 362 17.16 -16.53 -3.40
N TYR B 363 15.96 -16.99 -3.69
CA TYR B 363 14.87 -16.78 -2.77
C TYR B 363 15.31 -17.28 -1.39
N ARG B 364 15.07 -16.42 -0.40
CA ARG B 364 15.70 -16.55 0.91
C ARG B 364 15.45 -17.90 1.57
N LYS B 365 14.33 -18.53 1.25
CA LYS B 365 13.95 -19.81 1.86
C LYS B 365 14.36 -21.09 1.11
N LEU B 366 14.86 -20.98 -0.12
CA LEU B 366 15.07 -22.17 -0.99
C LEU B 366 16.28 -23.08 -0.60
N GLY B 367 17.35 -22.49 -0.06
CA GLY B 367 18.52 -23.23 0.44
C GLY B 367 19.45 -23.87 -0.60
N ARG B 368 19.60 -23.25 -1.76
CA ARG B 368 20.45 -23.78 -2.83
C ARG B 368 21.62 -22.87 -3.17
N ASN B 369 22.63 -23.46 -3.79
CA ASN B 369 23.81 -22.74 -4.26
C ASN B 369 23.46 -22.24 -5.64
N GLN B 370 22.86 -21.05 -5.69
CA GLN B 370 22.14 -20.60 -6.87
C GLN B 370 22.13 -19.07 -6.92
N LEU B 371 22.03 -18.52 -8.12
CA LEU B 371 21.67 -17.12 -8.34
C LEU B 371 20.28 -17.08 -8.94
N ARG B 372 19.56 -16.00 -8.64
CA ARG B 372 18.25 -15.74 -9.26
C ARG B 372 18.26 -14.38 -9.92
N VAL B 373 17.96 -14.34 -11.21
CA VAL B 373 18.12 -13.13 -12.02
C VAL B 373 16.80 -12.75 -12.67
N ALA B 374 16.33 -11.54 -12.40
CA ALA B 374 15.10 -11.03 -13.02
C ALA B 374 15.38 -10.37 -14.35
N MET B 375 14.44 -10.52 -15.27
CA MET B 375 14.61 -10.14 -16.65
C MET B 375 13.32 -9.52 -17.18
N PHE B 376 12.57 -8.85 -16.29
CA PHE B 376 11.37 -8.14 -16.63
C PHE B 376 11.69 -7.10 -17.71
N PRO B 377 10.68 -6.62 -18.47
CA PRO B 377 10.99 -5.77 -19.63
C PRO B 377 11.82 -4.52 -19.37
N ALA B 378 11.74 -3.92 -18.18
CA ALA B 378 12.58 -2.76 -17.91
C ALA B 378 14.06 -3.11 -17.99
N VAL B 379 14.41 -4.35 -17.64
CA VAL B 379 15.80 -4.83 -17.71
C VAL B 379 16.22 -4.94 -19.17
N GLU B 380 17.34 -4.31 -19.51
CA GLU B 380 17.85 -4.34 -20.87
C GLU B 380 18.53 -5.67 -21.17
N PRO B 381 18.18 -6.34 -22.29
CA PRO B 381 18.87 -7.57 -22.61
C PRO B 381 20.39 -7.48 -22.58
N ASP B 382 20.96 -6.40 -23.08
CA ASP B 382 22.41 -6.27 -23.04
C ASP B 382 22.94 -6.24 -21.62
N ASP B 383 22.12 -5.81 -20.67
CA ASP B 383 22.57 -5.83 -19.28
C ASP B 383 22.62 -7.25 -18.70
N VAL B 384 21.73 -8.11 -19.20
CA VAL B 384 21.80 -9.52 -18.81
C VAL B 384 23.08 -10.14 -19.37
N SER B 385 23.40 -9.85 -20.63
CA SER B 385 24.68 -10.30 -21.16
C SER B 385 25.84 -9.79 -20.28
N ALA B 386 25.80 -8.51 -19.93
CA ALA B 386 26.87 -7.90 -19.14
C ALA B 386 26.99 -8.62 -17.80
N LEU B 387 25.85 -8.87 -17.17
CA LEU B 387 25.81 -9.60 -15.92
C LEU B 387 26.56 -10.94 -16.00
N THR B 388 26.33 -11.68 -17.07
CA THR B 388 26.98 -12.98 -17.24
C THR B 388 28.49 -12.83 -17.37
N GLU B 389 28.94 -11.79 -18.07
CA GLU B 389 30.37 -11.50 -18.20
CA GLU B 389 30.37 -11.51 -18.20
C GLU B 389 30.97 -11.14 -16.83
N CYS B 390 30.21 -10.40 -16.03
CA CYS B 390 30.65 -10.07 -14.68
C CYS B 390 30.77 -11.30 -13.78
N VAL B 391 29.82 -12.23 -13.90
CA VAL B 391 29.90 -13.48 -13.15
C VAL B 391 31.14 -14.23 -13.57
N ASP B 392 31.38 -14.34 -14.87
CA ASP B 392 32.57 -15.10 -15.32
C ASP B 392 33.85 -14.44 -14.76
N TRP B 393 33.91 -13.12 -14.79
CA TRP B 393 35.11 -12.41 -14.34
C TRP B 393 35.35 -12.68 -12.86
N VAL B 394 34.28 -12.65 -12.06
CA VAL B 394 34.40 -12.92 -10.63
C VAL B 394 34.84 -14.39 -10.40
N VAL B 395 34.18 -15.31 -11.06
CA VAL B 395 34.42 -16.72 -10.82
C VAL B 395 35.86 -17.08 -11.17
N GLU B 396 36.40 -16.48 -12.22
CA GLU B 396 37.81 -16.70 -12.59
C GLU B 396 38.81 -16.25 -11.53
N ARG B 397 38.39 -15.35 -10.65
CA ARG B 397 39.25 -14.78 -9.62
C ARG B 397 38.94 -15.25 -8.19
N LEU B 398 38.02 -16.20 -8.02
CA LEU B 398 37.72 -16.73 -6.70
C LEU B 398 38.81 -17.67 -6.24
S SO4 C . 9.17 -11.94 0.00
O1 SO4 C . 10.43 -11.87 0.74
O2 SO4 C . 8.63 -13.30 0.27
O3 SO4 C . 8.24 -10.88 0.47
O4 SO4 C . 9.48 -11.56 -1.41
PT PC4 D . 13.93 17.95 4.95
N1 PLP E . -9.08 7.12 10.08
C2 PLP E . -9.06 8.47 9.84
C2A PLP E . -9.17 9.39 11.01
C3 PLP E . -8.89 8.93 8.55
O3 PLP E . -8.85 10.25 8.31
C4 PLP E . -8.80 8.01 7.50
C4A PLP E . -8.90 8.45 6.05
O4A PLP E . -7.79 8.65 5.55
O4A PLP E . -9.03 9.66 5.76
C5 PLP E . -8.80 6.66 7.77
C6 PLP E . -8.94 6.19 9.06
C5A PLP E . -8.50 5.62 6.69
O4P PLP E . -7.21 5.86 6.13
P PLP E . -6.69 4.97 4.89
O1P PLP E . -7.36 5.53 3.68
O2P PLP E . -7.15 3.57 5.17
O3P PLP E . -5.21 5.13 4.94
PT PC4 F . -14.57 28.91 -13.45
CL1 PC4 F . -14.37 29.91 -11.55
CL2 PC4 F . -16.03 27.85 -12.69
CL3 PC4 F . -15.12 27.81 -15.46
C1 GOL G . 12.96 1.91 16.58
O1 GOL G . 14.36 2.13 16.52
C2 GOL G . 12.55 1.79 18.03
O2 GOL G . 13.06 2.91 18.72
C3 GOL G . 11.02 1.78 18.21
O3 GOL G . 10.43 0.77 17.44
C1 GOL H . -13.35 42.77 -10.76
O1 GOL H . -12.77 41.56 -10.33
C2 GOL H . -14.01 43.42 -9.56
O2 GOL H . -15.38 43.65 -9.84
C3 GOL H . -13.31 44.72 -9.21
O3 GOL H . -11.99 44.48 -8.75
C1 GOL I . -10.93 18.11 -13.23
O1 GOL I . -9.75 17.33 -13.41
C2 GOL I . -10.68 19.23 -12.22
O2 GOL I . -11.62 20.28 -12.32
C3 GOL I . -10.80 18.72 -10.81
O3 GOL I . -9.81 19.37 -10.06
S SO4 J . -12.21 8.47 2.08
O1 SO4 J . -13.26 7.97 2.97
O2 SO4 J . -11.34 7.36 1.60
O3 SO4 J . -12.94 9.11 1.00
O4 SO4 J . -11.26 9.54 2.57
PT PC4 K . 16.72 3.69 -18.47
PT PC4 L . 9.86 -22.94 -1.47
N1 PLP M . 2.93 -14.10 -5.61
C2 PLP M . 4.12 -14.05 -6.27
C2A PLP M . 4.28 -14.96 -7.44
C3 PLP M . 5.13 -13.21 -5.87
O3 PLP M . 6.28 -13.21 -6.55
C4 PLP M . 4.91 -12.37 -4.76
C4A PLP M . 6.03 -11.65 -4.05
O4A PLP M . 6.18 -10.47 -4.40
O4A PLP M . 7.19 -11.66 -4.54
C5 PLP M . 3.68 -12.44 -4.11
C6 PLP M . 2.69 -13.29 -4.53
C5A PLP M . 3.32 -11.47 -3.01
O4P PLP M . 3.46 -10.15 -3.53
P PLP M . 3.20 -8.90 -2.54
O1P PLP M . 4.48 -8.70 -1.77
O2P PLP M . 2.08 -9.27 -1.60
O3P PLP M . 2.84 -7.75 -3.46
PT PC4 N . 7.57 6.28 -20.87
CL1 PC4 N . 7.04 6.08 -22.88
CL2 PC4 N . 9.69 6.48 -21.57
CL3 PC4 N . 8.19 6.05 -18.73
CL4 PC4 N . 5.28 6.03 -20.74
PT PC4 O . 34.35 -6.40 -1.67
CL1 PC4 O . 34.07 -7.62 -3.41
CL2 PC4 O . 33.48 -7.90 -0.61
C1 GOL P . -11.22 -0.16 -18.26
O1 GOL P . -11.58 0.94 -19.08
C2 GOL P . -11.95 -1.39 -18.74
O2 GOL P . -13.36 -1.18 -18.71
C3 GOL P . -11.55 -2.60 -17.88
O3 GOL P . -11.97 -2.50 -16.55
C1 GOL Q . 23.51 -4.07 0.30
O1 GOL Q . 23.60 -3.59 -1.00
C2 GOL Q . 24.65 -3.58 1.14
O2 GOL Q . 24.10 -2.74 2.14
C3 GOL Q . 25.36 -4.76 1.78
O3 GOL Q . 24.43 -5.60 2.44
C1 GOL R . 42.64 -8.24 -12.84
O1 GOL R . 42.33 -8.12 -11.47
C2 GOL R . 43.81 -9.20 -13.03
O2 GOL R . 43.68 -10.33 -12.19
C3 GOL R . 43.93 -9.69 -14.47
O3 GOL R . 43.12 -8.92 -15.33
C1 GOL S . 25.88 -1.59 -11.97
O1 GOL S . 26.75 -1.99 -13.00
C2 GOL S . 26.20 -0.21 -11.41
O2 GOL S . 26.11 0.74 -12.47
C3 GOL S . 27.60 -0.20 -10.81
O3 GOL S . 27.69 0.61 -9.65
#